data_3EFG
# 
_entry.id   3EFG 
# 
_audit_conform.dict_name       mmcif_pdbx.dic 
_audit_conform.dict_version    5.387 
_audit_conform.dict_location   http://mmcif.pdb.org/dictionaries/ascii/mmcif_pdbx.dic 
# 
loop_
_database_2.database_id 
_database_2.database_code 
_database_2.pdbx_database_accession 
_database_2.pdbx_DOI 
PDB   3EFG         pdb_00003efg 10.2210/pdb3efg/pdb 
RCSB  RCSB049256   ?            ?                   
WWPDB D_1000049256 ?            ?                   
# 
loop_
_pdbx_audit_revision_history.ordinal 
_pdbx_audit_revision_history.data_content_type 
_pdbx_audit_revision_history.major_revision 
_pdbx_audit_revision_history.minor_revision 
_pdbx_audit_revision_history.revision_date 
1 'Structure model' 1 0 2008-12-09 
2 'Structure model' 1 1 2011-07-13 
3 'Structure model' 1 2 2017-10-25 
4 'Structure model' 1 3 2024-02-21 
# 
_pdbx_audit_revision_details.ordinal             1 
_pdbx_audit_revision_details.revision_ordinal    1 
_pdbx_audit_revision_details.data_content_type   'Structure model' 
_pdbx_audit_revision_details.provider            repository 
_pdbx_audit_revision_details.type                'Initial release' 
_pdbx_audit_revision_details.description         ? 
_pdbx_audit_revision_details.details             ? 
# 
loop_
_pdbx_audit_revision_group.ordinal 
_pdbx_audit_revision_group.revision_ordinal 
_pdbx_audit_revision_group.data_content_type 
_pdbx_audit_revision_group.group 
1 2 'Structure model' Advisory                    
2 2 'Structure model' 'Version format compliance' 
3 3 'Structure model' 'Refinement description'    
4 4 'Structure model' 'Data collection'           
5 4 'Structure model' 'Database references'       
6 4 'Structure model' 'Derived calculations'      
# 
loop_
_pdbx_audit_revision_category.ordinal 
_pdbx_audit_revision_category.revision_ordinal 
_pdbx_audit_revision_category.data_content_type 
_pdbx_audit_revision_category.category 
1 3 'Structure model' software       
2 4 'Structure model' chem_comp_atom 
3 4 'Structure model' chem_comp_bond 
4 4 'Structure model' database_2     
5 4 'Structure model' struct_site    
# 
loop_
_pdbx_audit_revision_item.ordinal 
_pdbx_audit_revision_item.revision_ordinal 
_pdbx_audit_revision_item.data_content_type 
_pdbx_audit_revision_item.item 
1  3 'Structure model' '_software.classification'            
2  3 'Structure model' '_software.contact_author'            
3  3 'Structure model' '_software.contact_author_email'      
4  3 'Structure model' '_software.date'                      
5  3 'Structure model' '_software.language'                  
6  3 'Structure model' '_software.location'                  
7  3 'Structure model' '_software.name'                      
8  3 'Structure model' '_software.type'                      
9  3 'Structure model' '_software.version'                   
10 4 'Structure model' '_database_2.pdbx_DOI'                
11 4 'Structure model' '_database_2.pdbx_database_accession' 
12 4 'Structure model' '_struct_site.pdbx_auth_asym_id'      
13 4 'Structure model' '_struct_site.pdbx_auth_comp_id'      
14 4 'Structure model' '_struct_site.pdbx_auth_seq_id'       
# 
_pdbx_database_status.entry_id                        3EFG 
_pdbx_database_status.deposit_site                    RCSB 
_pdbx_database_status.process_site                    RCSB 
_pdbx_database_status.recvd_initial_deposition_date   2008-09-08 
_pdbx_database_status.status_code                     REL 
_pdbx_database_status.status_code_sf                  REL 
_pdbx_database_status.status_code_mr                  ? 
_pdbx_database_status.SG_entry                        Y 
_pdbx_database_status.pdb_format_compatible           Y 
_pdbx_database_status.status_code_cs                  ? 
_pdbx_database_status.methods_development_category    ? 
_pdbx_database_status.status_code_nmr_data            ? 
# 
_pdbx_database_related.db_name        TargetDB 
_pdbx_database_related.db_id          apc7733 
_pdbx_database_related.details        . 
_pdbx_database_related.content_type   unspecified 
# 
loop_
_audit_author.name 
_audit_author.pdbx_ordinal 
'Cuff, M.E.'                                    1 
'Xu, X.'                                        2 
'Cui, H.'                                       3 
'Savchenko, A.'                                 4 
'Edwards, A.'                                   5 
'Joachimiak, A.'                                6 
'Midwest Center for Structural Genomics (MCSG)' 7 
# 
_citation.id                        primary 
_citation.title                     'Structure of SlyX protein from Xanthomonas campestris pv. campestris str. ATCC 33913' 
_citation.journal_abbrev            'TO BE PUBLISHED' 
_citation.journal_volume            ? 
_citation.page_first                ? 
_citation.page_last                 ? 
_citation.year                      ? 
_citation.journal_id_ASTM           ? 
_citation.country                   ? 
_citation.journal_id_ISSN           ? 
_citation.journal_id_CSD            0353 
_citation.book_publisher            ? 
_citation.pdbx_database_id_PubMed   ? 
_citation.pdbx_database_id_DOI      ? 
# 
loop_
_citation_author.citation_id 
_citation_author.name 
_citation_author.ordinal 
_citation_author.identifier_ORCID 
primary 'Cuff, M.E.'     1 ? 
primary 'Xu, X.'         2 ? 
primary 'Cui, H.'        3 ? 
primary 'Savchenko, A.'  4 ? 
primary 'Edwards, A.'    5 ? 
primary 'Joachimiak, A.' 6 ? 
# 
loop_
_entity.id 
_entity.type 
_entity.src_method 
_entity.pdbx_description 
_entity.formula_weight 
_entity.pdbx_number_of_molecules 
_entity.pdbx_ec 
_entity.pdbx_mutation 
_entity.pdbx_fragment 
_entity.details 
1 polymer     man 'Protein slyX homolog' 8831.825 1  ? ? ? ? 
2 non-polymer syn 1,2-ETHANEDIOL         62.068   1  ? ? ? ? 
3 water       nat water                  18.015   24 ? ? ? ? 
# 
_entity_poly.entity_id                      1 
_entity_poly.type                           'polypeptide(L)' 
_entity_poly.nstd_linkage                   no 
_entity_poly.nstd_monomer                   no 
_entity_poly.pdbx_seq_one_letter_code       MHEQLSPRDQELEARLVELETRLSFQEQALTELSEALADARLTGARNAELIRHLLEDLGKVRSTLFADAADEPPPPHY 
_entity_poly.pdbx_seq_one_letter_code_can   MHEQLSPRDQELEARLVELETRLSFQEQALTELSEALADARLTGARNAELIRHLLEDLGKVRSTLFADAADEPPPPHY 
_entity_poly.pdbx_strand_id                 A 
_entity_poly.pdbx_target_identifier         apc7733 
# 
loop_
_pdbx_entity_nonpoly.entity_id 
_pdbx_entity_nonpoly.name 
_pdbx_entity_nonpoly.comp_id 
2 1,2-ETHANEDIOL EDO 
3 water          HOH 
# 
loop_
_entity_poly_seq.entity_id 
_entity_poly_seq.num 
_entity_poly_seq.mon_id 
_entity_poly_seq.hetero 
1 1  MET n 
1 2  HIS n 
1 3  GLU n 
1 4  GLN n 
1 5  LEU n 
1 6  SER n 
1 7  PRO n 
1 8  ARG n 
1 9  ASP n 
1 10 GLN n 
1 11 GLU n 
1 12 LEU n 
1 13 GLU n 
1 14 ALA n 
1 15 ARG n 
1 16 LEU n 
1 17 VAL n 
1 18 GLU n 
1 19 LEU n 
1 20 GLU n 
1 21 THR n 
1 22 ARG n 
1 23 LEU n 
1 24 SER n 
1 25 PHE n 
1 26 GLN n 
1 27 GLU n 
1 28 GLN n 
1 29 ALA n 
1 30 LEU n 
1 31 THR n 
1 32 GLU n 
1 33 LEU n 
1 34 SER n 
1 35 GLU n 
1 36 ALA n 
1 37 LEU n 
1 38 ALA n 
1 39 ASP n 
1 40 ALA n 
1 41 ARG n 
1 42 LEU n 
1 43 THR n 
1 44 GLY n 
1 45 ALA n 
1 46 ARG n 
1 47 ASN n 
1 48 ALA n 
1 49 GLU n 
1 50 LEU n 
1 51 ILE n 
1 52 ARG n 
1 53 HIS n 
1 54 LEU n 
1 55 LEU n 
1 56 GLU n 
1 57 ASP n 
1 58 LEU n 
1 59 GLY n 
1 60 LYS n 
1 61 VAL n 
1 62 ARG n 
1 63 SER n 
1 64 THR n 
1 65 LEU n 
1 66 PHE n 
1 67 ALA n 
1 68 ASP n 
1 69 ALA n 
1 70 ALA n 
1 71 ASP n 
1 72 GLU n 
1 73 PRO n 
1 74 PRO n 
1 75 PRO n 
1 76 PRO n 
1 77 HIS n 
1 78 TYR n 
# 
_entity_src_gen.entity_id                          1 
_entity_src_gen.pdbx_src_id                        1 
_entity_src_gen.pdbx_alt_source_flag               sample 
_entity_src_gen.pdbx_seq_type                      ? 
_entity_src_gen.pdbx_beg_seq_num                   ? 
_entity_src_gen.pdbx_end_seq_num                   ? 
_entity_src_gen.gene_src_common_name               ? 
_entity_src_gen.gene_src_genus                     ? 
_entity_src_gen.pdbx_gene_src_gene                 'slyX, XCC1504' 
_entity_src_gen.gene_src_species                   ? 
_entity_src_gen.gene_src_strain                    'ATCC 33913' 
_entity_src_gen.gene_src_tissue                    ? 
_entity_src_gen.gene_src_tissue_fraction           ? 
_entity_src_gen.gene_src_details                   ? 
_entity_src_gen.pdbx_gene_src_fragment             ? 
_entity_src_gen.pdbx_gene_src_scientific_name      'Xanthomonas campestris pv. campestris' 
_entity_src_gen.pdbx_gene_src_ncbi_taxonomy_id     340 
_entity_src_gen.pdbx_gene_src_variant              ? 
_entity_src_gen.pdbx_gene_src_cell_line            ? 
_entity_src_gen.pdbx_gene_src_atcc                 ? 
_entity_src_gen.pdbx_gene_src_organ                ? 
_entity_src_gen.pdbx_gene_src_organelle            ? 
_entity_src_gen.pdbx_gene_src_cell                 ? 
_entity_src_gen.pdbx_gene_src_cellular_location    ? 
_entity_src_gen.host_org_common_name               ? 
_entity_src_gen.pdbx_host_org_scientific_name      'Escherichia coli' 
_entity_src_gen.pdbx_host_org_ncbi_taxonomy_id     562 
_entity_src_gen.host_org_genus                     ? 
_entity_src_gen.pdbx_host_org_gene                 ? 
_entity_src_gen.pdbx_host_org_organ                ? 
_entity_src_gen.host_org_species                   ? 
_entity_src_gen.pdbx_host_org_tissue               ? 
_entity_src_gen.pdbx_host_org_tissue_fraction      ? 
_entity_src_gen.pdbx_host_org_strain               ? 
_entity_src_gen.pdbx_host_org_variant              ? 
_entity_src_gen.pdbx_host_org_cell_line            ? 
_entity_src_gen.pdbx_host_org_atcc                 ? 
_entity_src_gen.pdbx_host_org_culture_collection   ? 
_entity_src_gen.pdbx_host_org_cell                 ? 
_entity_src_gen.pdbx_host_org_organelle            ? 
_entity_src_gen.pdbx_host_org_cellular_location    ? 
_entity_src_gen.pdbx_host_org_vector_type          plasmid 
_entity_src_gen.pdbx_host_org_vector               ? 
_entity_src_gen.host_org_details                   ? 
_entity_src_gen.expression_system_id               ? 
_entity_src_gen.plasmid_name                       ? 
_entity_src_gen.plasmid_details                    ? 
_entity_src_gen.pdbx_description                   ? 
# 
loop_
_chem_comp.id 
_chem_comp.type 
_chem_comp.mon_nstd_flag 
_chem_comp.name 
_chem_comp.pdbx_synonyms 
_chem_comp.formula 
_chem_comp.formula_weight 
ALA 'L-peptide linking' y ALANINE         ?                 'C3 H7 N O2'     89.093  
ARG 'L-peptide linking' y ARGININE        ?                 'C6 H15 N4 O2 1' 175.209 
ASN 'L-peptide linking' y ASPARAGINE      ?                 'C4 H8 N2 O3'    132.118 
ASP 'L-peptide linking' y 'ASPARTIC ACID' ?                 'C4 H7 N O4'     133.103 
EDO non-polymer         . 1,2-ETHANEDIOL  'ETHYLENE GLYCOL' 'C2 H6 O2'       62.068  
GLN 'L-peptide linking' y GLUTAMINE       ?                 'C5 H10 N2 O3'   146.144 
GLU 'L-peptide linking' y 'GLUTAMIC ACID' ?                 'C5 H9 N O4'     147.129 
GLY 'peptide linking'   y GLYCINE         ?                 'C2 H5 N O2'     75.067  
HIS 'L-peptide linking' y HISTIDINE       ?                 'C6 H10 N3 O2 1' 156.162 
HOH non-polymer         . WATER           ?                 'H2 O'           18.015  
ILE 'L-peptide linking' y ISOLEUCINE      ?                 'C6 H13 N O2'    131.173 
LEU 'L-peptide linking' y LEUCINE         ?                 'C6 H13 N O2'    131.173 
LYS 'L-peptide linking' y LYSINE          ?                 'C6 H15 N2 O2 1' 147.195 
MET 'L-peptide linking' y METHIONINE      ?                 'C5 H11 N O2 S'  149.211 
PHE 'L-peptide linking' y PHENYLALANINE   ?                 'C9 H11 N O2'    165.189 
PRO 'L-peptide linking' y PROLINE         ?                 'C5 H9 N O2'     115.130 
SER 'L-peptide linking' y SERINE          ?                 'C3 H7 N O3'     105.093 
THR 'L-peptide linking' y THREONINE       ?                 'C4 H9 N O3'     119.119 
TYR 'L-peptide linking' y TYROSINE        ?                 'C9 H11 N O3'    181.189 
VAL 'L-peptide linking' y VALINE          ?                 'C5 H11 N O2'    117.146 
# 
loop_
_pdbx_poly_seq_scheme.asym_id 
_pdbx_poly_seq_scheme.entity_id 
_pdbx_poly_seq_scheme.seq_id 
_pdbx_poly_seq_scheme.mon_id 
_pdbx_poly_seq_scheme.ndb_seq_num 
_pdbx_poly_seq_scheme.pdb_seq_num 
_pdbx_poly_seq_scheme.auth_seq_num 
_pdbx_poly_seq_scheme.pdb_mon_id 
_pdbx_poly_seq_scheme.auth_mon_id 
_pdbx_poly_seq_scheme.pdb_strand_id 
_pdbx_poly_seq_scheme.pdb_ins_code 
_pdbx_poly_seq_scheme.hetero 
A 1 1  MET 1  1  ?  ?   ?   A . n 
A 1 2  HIS 2  2  ?  ?   ?   A . n 
A 1 3  GLU 3  3  ?  ?   ?   A . n 
A 1 4  GLN 4  4  ?  ?   ?   A . n 
A 1 5  LEU 5  5  ?  ?   ?   A . n 
A 1 6  SER 6  6  ?  ?   ?   A . n 
A 1 7  PRO 7  7  ?  ?   ?   A . n 
A 1 8  ARG 8  8  8  ARG ARG A . n 
A 1 9  ASP 9  9  9  ASP ASP A . n 
A 1 10 GLN 10 10 10 GLN GLN A . n 
A 1 11 GLU 11 11 11 GLU GLU A . n 
A 1 12 LEU 12 12 12 LEU LEU A . n 
A 1 13 GLU 13 13 13 GLU GLU A . n 
A 1 14 ALA 14 14 14 ALA ALA A . n 
A 1 15 ARG 15 15 15 ARG ARG A . n 
A 1 16 LEU 16 16 16 LEU LEU A . n 
A 1 17 VAL 17 17 17 VAL VAL A . n 
A 1 18 GLU 18 18 18 GLU GLU A . n 
A 1 19 LEU 19 19 19 LEU LEU A . n 
A 1 20 GLU 20 20 20 GLU GLU A . n 
A 1 21 THR 21 21 21 THR THR A . n 
A 1 22 ARG 22 22 22 ARG ARG A . n 
A 1 23 LEU 23 23 23 LEU LEU A . n 
A 1 24 SER 24 24 24 SER SER A . n 
A 1 25 PHE 25 25 25 PHE PHE A . n 
A 1 26 GLN 26 26 26 GLN GLN A . n 
A 1 27 GLU 27 27 27 GLU GLU A . n 
A 1 28 GLN 28 28 28 GLN GLN A . n 
A 1 29 ALA 29 29 29 ALA ALA A . n 
A 1 30 LEU 30 30 30 LEU LEU A . n 
A 1 31 THR 31 31 31 THR THR A . n 
A 1 32 GLU 32 32 32 GLU GLU A . n 
A 1 33 LEU 33 33 33 LEU LEU A . n 
A 1 34 SER 34 34 34 SER SER A . n 
A 1 35 GLU 35 35 35 GLU GLU A . n 
A 1 36 ALA 36 36 36 ALA ALA A . n 
A 1 37 LEU 37 37 37 LEU LEU A . n 
A 1 38 ALA 38 38 38 ALA ALA A . n 
A 1 39 ASP 39 39 39 ASP ASP A . n 
A 1 40 ALA 40 40 40 ALA ALA A . n 
A 1 41 ARG 41 41 41 ARG ARG A . n 
A 1 42 LEU 42 42 42 LEU LEU A . n 
A 1 43 THR 43 43 43 THR THR A . n 
A 1 44 GLY 44 44 44 GLY GLY A . n 
A 1 45 ALA 45 45 45 ALA ALA A . n 
A 1 46 ARG 46 46 46 ARG ARG A . n 
A 1 47 ASN 47 47 47 ASN ASN A . n 
A 1 48 ALA 48 48 48 ALA ALA A . n 
A 1 49 GLU 49 49 49 GLU GLU A . n 
A 1 50 LEU 50 50 50 LEU LEU A . n 
A 1 51 ILE 51 51 51 ILE ILE A . n 
A 1 52 ARG 52 52 52 ARG ARG A . n 
A 1 53 HIS 53 53 53 HIS HIS A . n 
A 1 54 LEU 54 54 54 LEU LEU A . n 
A 1 55 LEU 55 55 55 LEU LEU A . n 
A 1 56 GLU 56 56 56 GLU GLU A . n 
A 1 57 ASP 57 57 57 ASP ASP A . n 
A 1 58 LEU 58 58 58 LEU LEU A . n 
A 1 59 GLY 59 59 ?  ?   ?   A . n 
A 1 60 LYS 60 60 ?  ?   ?   A . n 
A 1 61 VAL 61 61 ?  ?   ?   A . n 
A 1 62 ARG 62 62 ?  ?   ?   A . n 
A 1 63 SER 63 63 ?  ?   ?   A . n 
A 1 64 THR 64 64 ?  ?   ?   A . n 
A 1 65 LEU 65 65 ?  ?   ?   A . n 
A 1 66 PHE 66 66 ?  ?   ?   A . n 
A 1 67 ALA 67 67 ?  ?   ?   A . n 
A 1 68 ASP 68 68 ?  ?   ?   A . n 
A 1 69 ALA 69 69 ?  ?   ?   A . n 
A 1 70 ALA 70 70 ?  ?   ?   A . n 
A 1 71 ASP 71 71 ?  ?   ?   A . n 
A 1 72 GLU 72 72 ?  ?   ?   A . n 
A 1 73 PRO 73 73 ?  ?   ?   A . n 
A 1 74 PRO 74 74 ?  ?   ?   A . n 
A 1 75 PRO 75 75 ?  ?   ?   A . n 
A 1 76 PRO 76 76 ?  ?   ?   A . n 
A 1 77 HIS 77 77 ?  ?   ?   A . n 
A 1 78 TYR 78 78 ?  ?   ?   A . n 
# 
loop_
_pdbx_nonpoly_scheme.asym_id 
_pdbx_nonpoly_scheme.entity_id 
_pdbx_nonpoly_scheme.mon_id 
_pdbx_nonpoly_scheme.ndb_seq_num 
_pdbx_nonpoly_scheme.pdb_seq_num 
_pdbx_nonpoly_scheme.auth_seq_num 
_pdbx_nonpoly_scheme.pdb_mon_id 
_pdbx_nonpoly_scheme.auth_mon_id 
_pdbx_nonpoly_scheme.pdb_strand_id 
_pdbx_nonpoly_scheme.pdb_ins_code 
B 2 EDO 1  79  1  EDO EDO A . 
C 3 HOH 1  80  1  HOH HOH A . 
C 3 HOH 2  81  2  HOH HOH A . 
C 3 HOH 3  82  3  HOH HOH A . 
C 3 HOH 4  83  4  HOH HOH A . 
C 3 HOH 5  84  5  HOH HOH A . 
C 3 HOH 6  85  6  HOH HOH A . 
C 3 HOH 7  86  7  HOH HOH A . 
C 3 HOH 8  87  8  HOH HOH A . 
C 3 HOH 9  88  9  HOH HOH A . 
C 3 HOH 10 89  10 HOH HOH A . 
C 3 HOH 11 90  11 HOH HOH A . 
C 3 HOH 12 91  12 HOH HOH A . 
C 3 HOH 13 92  13 HOH HOH A . 
C 3 HOH 14 93  14 HOH HOH A . 
C 3 HOH 15 94  15 HOH HOH A . 
C 3 HOH 16 95  16 HOH HOH A . 
C 3 HOH 17 96  17 HOH HOH A . 
C 3 HOH 18 97  18 HOH HOH A . 
C 3 HOH 19 98  19 HOH HOH A . 
C 3 HOH 20 99  20 HOH HOH A . 
C 3 HOH 21 100 21 HOH HOH A . 
C 3 HOH 22 101 22 HOH HOH A . 
C 3 HOH 23 102 23 HOH HOH A . 
C 3 HOH 24 103 24 HOH HOH A . 
# 
loop_
_pdbx_unobs_or_zero_occ_atoms.id 
_pdbx_unobs_or_zero_occ_atoms.PDB_model_num 
_pdbx_unobs_or_zero_occ_atoms.polymer_flag 
_pdbx_unobs_or_zero_occ_atoms.occupancy_flag 
_pdbx_unobs_or_zero_occ_atoms.auth_asym_id 
_pdbx_unobs_or_zero_occ_atoms.auth_comp_id 
_pdbx_unobs_or_zero_occ_atoms.auth_seq_id 
_pdbx_unobs_or_zero_occ_atoms.PDB_ins_code 
_pdbx_unobs_or_zero_occ_atoms.auth_atom_id 
_pdbx_unobs_or_zero_occ_atoms.label_alt_id 
_pdbx_unobs_or_zero_occ_atoms.label_asym_id 
_pdbx_unobs_or_zero_occ_atoms.label_comp_id 
_pdbx_unobs_or_zero_occ_atoms.label_seq_id 
_pdbx_unobs_or_zero_occ_atoms.label_atom_id 
1 1 Y 1 A ARG 8 ? CG  ? A ARG 8 CG  
2 1 Y 1 A ARG 8 ? CD  ? A ARG 8 CD  
3 1 Y 1 A ARG 8 ? NE  ? A ARG 8 NE  
4 1 Y 1 A ARG 8 ? CZ  ? A ARG 8 CZ  
5 1 Y 1 A ARG 8 ? NH1 ? A ARG 8 NH1 
6 1 Y 1 A ARG 8 ? NH2 ? A ARG 8 NH2 
# 
loop_
_software.name 
_software.version 
_software.date 
_software.type 
_software.contact_author 
_software.contact_author_email 
_software.classification 
_software.location 
_software.language 
_software.citation_id 
_software.pdbx_ordinal 
DENZO       .     ?               package 'Zbyszek Otwinowski' hkl@hkl-xray.com       'data reduction'  http://www.hkl-xray.com/ ? 
? 1  
SCALEPACK   .     ?               package 'Zbyszek Otwinowski' hkl@hkl-xray.com       'data scaling'    http://www.hkl-xray.com/ ? 
? 2  
MLPHARE     .     ?               other   'Eleanor J. Dodson'  ccp4@ccp4.ac.uk        phasing           
http://www.ccp4.ac.uk/dist/html/mlphare.html Fortran_77 ? 3  
DM          6.0   ?               program 'Kevin Cowtan'       kowtan@ysbl.york.ac.uk phasing           
http://www.ccp4.ac.uk/dist/html/dm.html      Fortran_77 ? 4  
REFMAC      .     ?               program 'Garib N. Murshudov' garib@ysbl.york.ac.uk  refinement        
http://www.ccp4.ac.uk/dist/html/refmac5.html Fortran_77 ? 5  
PDB_EXTRACT 3.006 'June 11, 2008' package PDB                  help@deposit.rcsb.org  'data extraction' 
http://sw-tools.pdb.org/apps/PDB_EXTRACT/    C++        ? 6  
SBC-Collect .     ?               ?       ?                    ?                      'data collection' ? ?          ? 7  
HKL-3000    .     ?               ?       ?                    ?                      'data reduction'  ? ?          ? 8  
HKL-3000    .     ?               ?       ?                    ?                      phasing           ? ?          ? 9  
SHELXD      .     ?               ?       ?                    ?                      phasing           ? ?          ? 10 
SHELXE      .     ?               ?       ?                    ?                      'model building'  ? ?          ? 11 
SOLVE       .     ?               ?       ?                    ?                      phasing           ? ?          ? 12 
RESOLVE     .     ?               ?       ?                    ?                      phasing           ? ?          ? 13 
ARP/wARP    .     ?               ?       ?                    ?                      'model building'  ? ?          ? 14 
CCP4        .     ?               ?       ?                    ?                      phasing           ? ?          ? 15 
O           .     ?               ?       ?                    ?                      'model building'  ? ?          ? 16 
Coot        .     ?               ?       ?                    ?                      'model building'  ? ?          ? 17 
# 
_cell.length_a           35.945 
_cell.length_b           35.945 
_cell.length_c           81.820 
_cell.angle_alpha        90.000 
_cell.angle_beta         90.000 
_cell.angle_gamma        120.000 
_cell.entry_id           3EFG 
_cell.pdbx_unique_axis   ? 
_cell.Z_PDB              6 
_cell.length_a_esd       ? 
_cell.length_b_esd       ? 
_cell.length_c_esd       ? 
_cell.angle_alpha_esd    ? 
_cell.angle_beta_esd     ? 
_cell.angle_gamma_esd    ? 
# 
_symmetry.space_group_name_H-M             'P 63' 
_symmetry.entry_id                         3EFG 
_symmetry.Int_Tables_number                173 
_symmetry.pdbx_full_space_group_name_H-M   ? 
_symmetry.cell_setting                     ? 
_symmetry.space_group_name_Hall            ? 
# 
_exptl.crystals_number   2 
_exptl.entry_id          3EFG 
_exptl.method            'X-RAY DIFFRACTION' 
# 
_exptl_crystal.id                    1 
_exptl_crystal.density_Matthews      1.73 
_exptl_crystal.density_meas          ? 
_exptl_crystal.density_percent_sol   28.81 
_exptl_crystal.description           ? 
_exptl_crystal.F_000                 ? 
_exptl_crystal.preparation           ? 
# 
_exptl_crystal_grow.crystal_id      1 
_exptl_crystal_grow.method          'VAPOR DIFFUSION, HANGING DROP' 
_exptl_crystal_grow.pH              8.5 
_exptl_crystal_grow.temp            291 
_exptl_crystal_grow.temp_details    ? 
_exptl_crystal_grow.pdbx_details    
;0.1M Tris pH 8.5, 0.2M Ammonium Sulfate, 20% PEG 3350, 4% Glycerol, 1/60 cymotrypsin, then soaked in 
Na Bromide for phasing, VAPOR DIFFUSION, HANGING DROP, temperature 291K
;
_exptl_crystal_grow.pdbx_pH_range   ? 
# 
loop_
_diffrn.id 
_diffrn.ambient_temp 
_diffrn.ambient_temp_details 
_diffrn.crystal_id 
1   100 ? 1 
2   ?   ? 1 
1,2 ?   ? 1 
# 
loop_
_diffrn_detector.diffrn_id 
_diffrn_detector.detector 
_diffrn_detector.type 
_diffrn_detector.pdbx_collection_date 
_diffrn_detector.details 
1 CCD 'ADSC QUANTUM 315' 2008-02-15 ? 
2 CCD 'ADSC QUANTUM 315' 2008-04-21 ? 
# 
loop_
_diffrn_radiation.diffrn_id 
_diffrn_radiation.wavelength_id 
_diffrn_radiation.pdbx_diffrn_protocol 
_diffrn_radiation.monochromator 
_diffrn_radiation.pdbx_monochromatic_or_laue_m_l 
_diffrn_radiation.pdbx_scattering_type 
1 1 MAD                 'SAGITALLY FOCUSED Si(111)' M x-ray 
2 1 'SINGLE WAVELENGTH' 'SAGITALLY FOCUSED Si(111)' M x-ray 
# 
loop_
_diffrn_radiation_wavelength.id 
_diffrn_radiation_wavelength.wavelength 
_diffrn_radiation_wavelength.wt 
1 0.97931 1.0 
2 0.91966 1.0 
3 0.91948 1.0 
# 
_diffrn_source.diffrn_id                   1 
_diffrn_source.source                      SYNCHROTRON 
_diffrn_source.type                        'APS BEAMLINE 19-ID' 
_diffrn_source.pdbx_wavelength             ? 
_diffrn_source.pdbx_wavelength_list        '0.97931, 0.91966, 0.91948' 
_diffrn_source.pdbx_synchrotron_site       APS 
_diffrn_source.pdbx_synchrotron_beamline   19-ID 
# 
_reflns.entry_id                     3EFG 
_reflns.d_resolution_high            1.900 
_reflns.d_resolution_low             50.000 
_reflns.number_obs                   4751 
_reflns.pdbx_Rmerge_I_obs            0.051 
_reflns.pdbx_netI_over_sigmaI        58.469 
_reflns.pdbx_chi_squared             1.075 
_reflns.pdbx_redundancy              12.400 
_reflns.percent_possible_obs         99.700 
_reflns.observed_criterion_sigma_F   ? 
_reflns.observed_criterion_sigma_I   -3 
_reflns.number_all                   4751 
_reflns.pdbx_Rsym_value              ? 
_reflns.B_iso_Wilson_estimate        34.9 
_reflns.R_free_details               ? 
_reflns.limit_h_max                  ? 
_reflns.limit_h_min                  ? 
_reflns.limit_k_max                  ? 
_reflns.limit_k_min                  ? 
_reflns.limit_l_max                  ? 
_reflns.limit_l_min                  ? 
_reflns.observed_criterion_F_max     ? 
_reflns.observed_criterion_F_min     ? 
_reflns.pdbx_scaling_rejects         ? 
_reflns.pdbx_ordinal                 1 
_reflns.pdbx_diffrn_id               1,2 
# 
_reflns_shell.d_res_high             1.90 
_reflns_shell.d_res_low              1.94 
_reflns_shell.number_measured_obs    ? 
_reflns_shell.number_measured_all    ? 
_reflns_shell.number_unique_obs      ? 
_reflns_shell.Rmerge_I_obs           0.533 
_reflns_shell.meanI_over_sigI_obs    ? 
_reflns_shell.pdbx_Rsym_value        ? 
_reflns_shell.pdbx_chi_squared       0.598 
_reflns_shell.pdbx_redundancy        11.90 
_reflns_shell.percent_possible_obs   ? 
_reflns_shell.number_unique_all      298 
_reflns_shell.percent_possible_all   100.00 
_reflns_shell.pdbx_ordinal           1 
_reflns_shell.pdbx_diffrn_id         1,2 
# 
_refine.entry_id                                 3EFG 
_refine.ls_d_res_high                            2.000 
_refine.ls_d_res_low                             31.130 
_refine.pdbx_ls_sigma_F                          0.00 
_refine.ls_percent_reflns_obs                    99.710 
_refine.ls_number_reflns_obs                     4065 
_refine.pdbx_ls_cross_valid_method               THROUGHOUT 
_refine.pdbx_R_Free_selection_details            RANDOM 
_refine.details                                  
;HYDROGENS HAVE BEEN ADDED IN THE RIDING POSITIONS  
 U VALUES      : RESIDUAL ONLY
;
_refine.ls_R_factor_obs                          0.204 
_refine.ls_R_factor_R_work                       0.204 
_refine.ls_wR_factor_R_work                      0.230 
_refine.ls_R_factor_R_free                       0.211 
_refine.ls_wR_factor_R_free                      0.243 
_refine.ls_percent_reflns_R_free                 4.700 
_refine.ls_number_reflns_R_free                  191 
_refine.B_iso_mean                               38.483 
_refine.aniso_B[1][1]                            1.620 
_refine.aniso_B[2][2]                            1.620 
_refine.aniso_B[3][3]                            -2.430 
_refine.aniso_B[1][2]                            0.810 
_refine.aniso_B[1][3]                            0.000 
_refine.aniso_B[2][3]                            0.000 
_refine.correlation_coeff_Fo_to_Fc               0.951 
_refine.correlation_coeff_Fo_to_Fc_free          0.957 
_refine.overall_SU_R_Cruickshank_DPI             0.206 
_refine.overall_SU_R_free                        0.163 
_refine.pdbx_overall_ESU_R                       0.192 
_refine.pdbx_overall_ESU_R_Free                  0.146 
_refine.overall_SU_ML                            0.112 
_refine.overall_SU_B                             9.527 
_refine.solvent_model_details                    MASK 
_refine.pdbx_solvent_vdw_probe_radii             1.200 
_refine.pdbx_solvent_ion_probe_radii             0.800 
_refine.pdbx_solvent_shrinkage_radii             0.800 
_refine.pdbx_method_to_determine_struct          MAD 
_refine.pdbx_stereochemistry_target_values       'MAXIMUM LIKELIHOOD' 
_refine.overall_FOM_work_R_set                   0.850 
_refine.B_iso_max                                82.78 
_refine.B_iso_min                                10.73 
_refine.occupancy_max                            1.00 
_refine.occupancy_min                            0.33 
_refine.pdbx_ls_sigma_I                          ? 
_refine.ls_number_reflns_all                     4065 
_refine.ls_R_factor_all                          0.204 
_refine.ls_redundancy_reflns_obs                 ? 
_refine.pdbx_data_cutoff_high_absF               ? 
_refine.pdbx_data_cutoff_low_absF                ? 
_refine.ls_number_parameters                     ? 
_refine.ls_number_restraints                     ? 
_refine.ls_R_factor_R_free_error                 ? 
_refine.ls_R_factor_R_free_error_details         ? 
_refine.pdbx_starting_model                      ? 
_refine.pdbx_stereochem_target_val_spec_case     ? 
_refine.solvent_model_param_bsol                 ? 
_refine.solvent_model_param_ksol                 ? 
_refine.pdbx_isotropic_thermal_model             ? 
_refine.pdbx_data_cutoff_high_rms_absF           ? 
_refine.overall_FOM_free_R_set                   ? 
_refine.pdbx_overall_phase_error                 ? 
_refine.pdbx_refine_id                           'X-RAY DIFFRACTION' 
_refine.pdbx_TLS_residual_ADP_flag               'LIKELY RESIDUAL' 
_refine.pdbx_diffrn_id                           1 
_refine.pdbx_overall_SU_R_free_Cruickshank_DPI   ? 
_refine.pdbx_overall_SU_R_Blow_DPI               ? 
_refine.pdbx_overall_SU_R_free_Blow_DPI          ? 
# 
_refine_hist.pdbx_refine_id                   'X-RAY DIFFRACTION' 
_refine_hist.cycle_id                         LAST 
_refine_hist.pdbx_number_atoms_protein        404 
_refine_hist.pdbx_number_atoms_nucleic_acid   0 
_refine_hist.pdbx_number_atoms_ligand         4 
_refine_hist.number_atoms_solvent             24 
_refine_hist.number_atoms_total               432 
_refine_hist.d_res_high                       2.000 
_refine_hist.d_res_low                        31.130 
# 
loop_
_refine_ls_restr.type 
_refine_ls_restr.number 
_refine_ls_restr.dev_ideal 
_refine_ls_restr.dev_ideal_target 
_refine_ls_restr.weight 
_refine_ls_restr.pdbx_refine_id 
_refine_ls_restr.pdbx_restraint_function 
r_bond_refined_d       424 0.017  0.021  ? 'X-RAY DIFFRACTION' ? 
r_bond_other_d         293 0.006  0.020  ? 'X-RAY DIFFRACTION' ? 
r_angle_refined_deg    572 1.389  2.006  ? 'X-RAY DIFFRACTION' ? 
r_angle_other_deg      712 0.901  3.000  ? 'X-RAY DIFFRACTION' ? 
r_dihedral_angle_1_deg 54  3.830  5.000  ? 'X-RAY DIFFRACTION' ? 
r_dihedral_angle_2_deg 25  40.401 24.400 ? 'X-RAY DIFFRACTION' ? 
r_dihedral_angle_3_deg 82  18.643 15.000 ? 'X-RAY DIFFRACTION' ? 
r_dihedral_angle_4_deg 6   13.087 15.000 ? 'X-RAY DIFFRACTION' ? 
r_chiral_restr         69  0.063  0.200  ? 'X-RAY DIFFRACTION' ? 
r_gen_planes_refined   475 0.005  0.020  ? 'X-RAY DIFFRACTION' ? 
r_gen_planes_other     83  0.001  0.020  ? 'X-RAY DIFFRACTION' ? 
r_mcbond_it            259 0.880  1.500  ? 'X-RAY DIFFRACTION' ? 
r_mcbond_other         104 0.155  1.500  ? 'X-RAY DIFFRACTION' ? 
r_mcangle_it           411 1.872  2.000  ? 'X-RAY DIFFRACTION' ? 
r_scbond_it            165 2.939  3.000  ? 'X-RAY DIFFRACTION' ? 
r_scangle_it           159 5.167  4.500  ? 'X-RAY DIFFRACTION' ? 
# 
_refine_ls_shell.d_res_high                       2.000 
_refine_ls_shell.d_res_low                        2.052 
_refine_ls_shell.pdbx_total_number_of_bins_used   20 
_refine_ls_shell.percent_reflns_obs               100.000 
_refine_ls_shell.number_reflns_R_work             275 
_refine_ls_shell.R_factor_all                     ? 
_refine_ls_shell.R_factor_R_work                  0.244 
_refine_ls_shell.R_factor_R_free                  0.238 
_refine_ls_shell.percent_reflns_R_free            ? 
_refine_ls_shell.number_reflns_R_free             14 
_refine_ls_shell.R_factor_R_free_error            ? 
_refine_ls_shell.number_reflns_all                289 
_refine_ls_shell.number_reflns_obs                ? 
_refine_ls_shell.redundancy_reflns_obs            ? 
_refine_ls_shell.pdbx_refine_id                   'X-RAY DIFFRACTION' 
# 
_struct.entry_id                  3EFG 
_struct.title                     'Structure of SlyX protein from Xanthomonas campestris pv. campestris str. ATCC 33913' 
_struct.pdbx_model_details        ? 
_struct.pdbx_CASP_flag            ? 
_struct.pdbx_model_type_details   ? 
# 
_struct_keywords.entry_id        3EFG 
_struct_keywords.pdbx_keywords   'structural genomics, unknown function' 
_struct_keywords.text            
;Xanthomonas campestris pv. campestris, coiled-coil, structural genomics, PSI-2, Protein Structure Initiative, Midwest Center for Structural Genomics, MCSG, unknown function
;
# 
loop_
_struct_asym.id 
_struct_asym.pdbx_blank_PDB_chainid_flag 
_struct_asym.pdbx_modified 
_struct_asym.entity_id 
_struct_asym.details 
A N N 1 ? 
B N N 2 ? 
C N N 3 ? 
# 
_struct_ref.id                         1 
_struct_ref.db_name                    UNP 
_struct_ref.db_code                    SLYX_XANCP 
_struct_ref.pdbx_db_accession          Q8PAH9 
_struct_ref.entity_id                  1 
_struct_ref.pdbx_seq_one_letter_code   MHEQLSPRDQELEARLVELETRLSFQEQALTELSEALADARLTGARNAELIRHLLEDLGKVRSTLFADAADEPPPPHY 
_struct_ref.pdbx_align_begin           1 
_struct_ref.pdbx_db_isoform            ? 
# 
_struct_ref_seq.align_id                      1 
_struct_ref_seq.ref_id                        1 
_struct_ref_seq.pdbx_PDB_id_code              3EFG 
_struct_ref_seq.pdbx_strand_id                A 
_struct_ref_seq.seq_align_beg                 1 
_struct_ref_seq.pdbx_seq_align_beg_ins_code   ? 
_struct_ref_seq.seq_align_end                 78 
_struct_ref_seq.pdbx_seq_align_end_ins_code   ? 
_struct_ref_seq.pdbx_db_accession             Q8PAH9 
_struct_ref_seq.db_align_beg                  1 
_struct_ref_seq.pdbx_db_align_beg_ins_code    ? 
_struct_ref_seq.db_align_end                  78 
_struct_ref_seq.pdbx_db_align_end_ins_code    ? 
_struct_ref_seq.pdbx_auth_seq_align_beg       1 
_struct_ref_seq.pdbx_auth_seq_align_end       78 
# 
_pdbx_struct_assembly.id                   1 
_pdbx_struct_assembly.details              software_defined_assembly 
_pdbx_struct_assembly.method_details       PISA 
_pdbx_struct_assembly.oligomeric_details   trimeric 
_pdbx_struct_assembly.oligomeric_count     3 
# 
loop_
_pdbx_struct_assembly_prop.biol_id 
_pdbx_struct_assembly_prop.type 
_pdbx_struct_assembly_prop.value 
_pdbx_struct_assembly_prop.details 
1 'ABSA (A^2)' 6210 ? 
1 MORE         -39  ? 
1 'SSA (A^2)'  9530 ? 
# 
_pdbx_struct_assembly_gen.assembly_id       1 
_pdbx_struct_assembly_gen.oper_expression   1,2,3 
_pdbx_struct_assembly_gen.asym_id_list      A,B,C 
# 
loop_
_pdbx_struct_oper_list.id 
_pdbx_struct_oper_list.type 
_pdbx_struct_oper_list.name 
_pdbx_struct_oper_list.symmetry_operation 
_pdbx_struct_oper_list.matrix[1][1] 
_pdbx_struct_oper_list.matrix[1][2] 
_pdbx_struct_oper_list.matrix[1][3] 
_pdbx_struct_oper_list.vector[1] 
_pdbx_struct_oper_list.matrix[2][1] 
_pdbx_struct_oper_list.matrix[2][2] 
_pdbx_struct_oper_list.matrix[2][3] 
_pdbx_struct_oper_list.vector[2] 
_pdbx_struct_oper_list.matrix[3][1] 
_pdbx_struct_oper_list.matrix[3][2] 
_pdbx_struct_oper_list.matrix[3][3] 
_pdbx_struct_oper_list.vector[3] 
1 'identity operation'         1_555 x,y,z        1.0000000000  0.0000000000  0.0000000000  0.0000000000 0.0000000000  1.0000000000  0.0000000000  0.0000000000  0.0000000000  0.0000000000  1.0000000000 0.0000000000  
2 'crystal symmetry operation' 2_665 -y+1,x-y+1,z -0.0549263588 0.7673591940  -0.6388606753 4.5418893292 -0.6823786434 -0.4959435398 -0.5370282976 -3.0868905711 -0.7289324264 0.4064478720  0.5508698986 2.7640326439  
3 'crystal symmetry operation' 3_565 -x+y,-x+1,z  -0.0549263588 -0.6823786434 -0.7289324264 0.1578342646 0.7673591940  -0.4959435398 0.4064478720  -6.1396191581 -0.6388606753 -0.5370282976 0.5508698986 -0.2787354862 
# 
_struct_biol.id        1 
_struct_biol.details   'likely a trimer: x,y,z, x-y,x,z+1/2, -y+1,x-y+1,z' 
# 
_struct_conf.conf_type_id            HELX_P 
_struct_conf.id                      HELX_P1 
_struct_conf.pdbx_PDB_helix_id       1 
_struct_conf.beg_label_comp_id       GLN 
_struct_conf.beg_label_asym_id       A 
_struct_conf.beg_label_seq_id        10 
_struct_conf.pdbx_beg_PDB_ins_code   ? 
_struct_conf.end_label_comp_id       ASP 
_struct_conf.end_label_asym_id       A 
_struct_conf.end_label_seq_id        57 
_struct_conf.pdbx_end_PDB_ins_code   ? 
_struct_conf.beg_auth_comp_id        GLN 
_struct_conf.beg_auth_asym_id        A 
_struct_conf.beg_auth_seq_id         10 
_struct_conf.end_auth_comp_id        ASP 
_struct_conf.end_auth_asym_id        A 
_struct_conf.end_auth_seq_id         57 
_struct_conf.pdbx_PDB_helix_class    1 
_struct_conf.details                 ? 
_struct_conf.pdbx_PDB_helix_length   48 
# 
_struct_conf_type.id          HELX_P 
_struct_conf_type.criteria    ? 
_struct_conf_type.reference   ? 
# 
_struct_site.id                   AC1 
_struct_site.pdbx_evidence_code   Software 
_struct_site.pdbx_auth_asym_id    A 
_struct_site.pdbx_auth_comp_id    EDO 
_struct_site.pdbx_auth_seq_id     79 
_struct_site.pdbx_auth_ins_code   ? 
_struct_site.pdbx_num_residues    3 
_struct_site.details              'BINDING SITE FOR RESIDUE EDO A 79' 
# 
loop_
_struct_site_gen.id 
_struct_site_gen.site_id 
_struct_site_gen.pdbx_num_res 
_struct_site_gen.label_comp_id 
_struct_site_gen.label_asym_id 
_struct_site_gen.label_seq_id 
_struct_site_gen.pdbx_auth_ins_code 
_struct_site_gen.auth_comp_id 
_struct_site_gen.auth_asym_id 
_struct_site_gen.auth_seq_id 
_struct_site_gen.label_atom_id 
_struct_site_gen.label_alt_id 
_struct_site_gen.symmetry 
_struct_site_gen.details 
1 AC1 3 SER A 24 ? SER A 24 . ? 1_555 ? 
2 AC1 3 PHE A 25 ? PHE A 25 . ? 1_555 ? 
3 AC1 3 GLN A 28 ? GLN A 28 . ? 1_555 ? 
# 
loop_
_pdbx_validate_rmsd_bond.id 
_pdbx_validate_rmsd_bond.PDB_model_num 
_pdbx_validate_rmsd_bond.auth_atom_id_1 
_pdbx_validate_rmsd_bond.auth_asym_id_1 
_pdbx_validate_rmsd_bond.auth_comp_id_1 
_pdbx_validate_rmsd_bond.auth_seq_id_1 
_pdbx_validate_rmsd_bond.PDB_ins_code_1 
_pdbx_validate_rmsd_bond.label_alt_id_1 
_pdbx_validate_rmsd_bond.auth_atom_id_2 
_pdbx_validate_rmsd_bond.auth_asym_id_2 
_pdbx_validate_rmsd_bond.auth_comp_id_2 
_pdbx_validate_rmsd_bond.auth_seq_id_2 
_pdbx_validate_rmsd_bond.PDB_ins_code_2 
_pdbx_validate_rmsd_bond.label_alt_id_2 
_pdbx_validate_rmsd_bond.bond_value 
_pdbx_validate_rmsd_bond.bond_target_value 
_pdbx_validate_rmsd_bond.bond_deviation 
_pdbx_validate_rmsd_bond.bond_standard_deviation 
_pdbx_validate_rmsd_bond.linker_flag 
1 1 CB A GLU 35 ? ? CG A GLU 35 ? ? 1.644 1.517 0.127 0.019 N 
2 1 CG A GLU 35 ? ? CD A GLU 35 ? ? 1.607 1.515 0.092 0.015 N 
# 
_pdbx_validate_torsion.id              1 
_pdbx_validate_torsion.PDB_model_num   1 
_pdbx_validate_torsion.auth_comp_id    ASP 
_pdbx_validate_torsion.auth_asym_id    A 
_pdbx_validate_torsion.auth_seq_id     57 
_pdbx_validate_torsion.PDB_ins_code    ? 
_pdbx_validate_torsion.label_alt_id    ? 
_pdbx_validate_torsion.phi             -67.60 
_pdbx_validate_torsion.psi             2.05 
# 
_pdbx_SG_project.id                    1 
_pdbx_SG_project.project_name          'PSI, Protein Structure Initiative' 
_pdbx_SG_project.full_name_of_center   'Midwest Center for Structural Genomics' 
_pdbx_SG_project.initial_of_center     MCSG 
# 
loop_
_pdbx_struct_special_symmetry.id 
_pdbx_struct_special_symmetry.PDB_model_num 
_pdbx_struct_special_symmetry.auth_asym_id 
_pdbx_struct_special_symmetry.auth_comp_id 
_pdbx_struct_special_symmetry.auth_seq_id 
_pdbx_struct_special_symmetry.PDB_ins_code 
_pdbx_struct_special_symmetry.label_asym_id 
_pdbx_struct_special_symmetry.label_comp_id 
_pdbx_struct_special_symmetry.label_seq_id 
1 1 A HOH 81 ? C HOH . 
2 1 A HOH 94 ? C HOH . 
# 
_diffrn_reflns.diffrn_id                   1 
_diffrn_reflns.pdbx_d_res_high             1.900 
_diffrn_reflns.pdbx_d_res_low              50.000 
_diffrn_reflns.pdbx_number_obs             4751 
_diffrn_reflns.pdbx_Rmerge_I_obs           0.051 
_diffrn_reflns.pdbx_Rsym_value             ? 
_diffrn_reflns.pdbx_chi_squared            1.08 
_diffrn_reflns.av_sigmaI_over_netI         58.47 
_diffrn_reflns.pdbx_redundancy             12.40 
_diffrn_reflns.pdbx_percent_possible_obs   99.70 
_diffrn_reflns.number                      58725 
_diffrn_reflns.pdbx_observed_criterion     ? 
_diffrn_reflns.limit_h_max                 ? 
_diffrn_reflns.limit_h_min                 ? 
_diffrn_reflns.limit_k_max                 ? 
_diffrn_reflns.limit_k_min                 ? 
_diffrn_reflns.limit_l_max                 ? 
_diffrn_reflns.limit_l_min                 ? 
# 
loop_
_pdbx_diffrn_reflns_shell.diffrn_id 
_pdbx_diffrn_reflns_shell.d_res_high 
_pdbx_diffrn_reflns_shell.d_res_low 
_pdbx_diffrn_reflns_shell.number_obs 
_pdbx_diffrn_reflns_shell.rejects 
_pdbx_diffrn_reflns_shell.Rmerge_I_obs 
_pdbx_diffrn_reflns_shell.Rsym_value 
_pdbx_diffrn_reflns_shell.chi_squared 
_pdbx_diffrn_reflns_shell.redundancy 
_pdbx_diffrn_reflns_shell.percent_possible_obs 
1 4.68 50.00 ? ? 0.030 ? 0.941 12.20 95.60  
1 3.72 4.68  ? ? 0.035 ? 1.288 12.00 100.00 
1 3.25 3.72  ? ? 0.053 ? 2.098 12.30 100.00 
1 2.95 3.25  ? ? 0.063 ? 1.915 12.30 100.00 
1 2.74 2.95  ? ? 0.062 ? 1.469 12.50 100.00 
1 2.58 2.74  ? ? 0.073 ? 1.135 12.60 100.00 
1 2.45 2.58  ? ? 0.076 ? 1.030 12.40 100.00 
1 2.34 2.45  ? ? 0.099 ? 0.969 12.60 100.00 
1 2.25 2.34  ? ? 0.112 ? 0.896 12.50 100.00 
1 2.17 2.25  ? ? 0.134 ? 0.835 12.50 100.00 
1 2.11 2.17  ? ? 0.181 ? 0.789 12.50 100.00 
1 2.05 2.11  ? ? 0.279 ? 0.769 12.40 100.00 
1 1.99 2.05  ? ? 0.314 ? 0.693 12.40 100.00 
1 1.94 1.99  ? ? 0.450 ? 0.671 12.40 100.00 
1 1.90 1.94  ? ? 0.533 ? 0.598 11.90 100.00 
# 
_pdbx_refine_tls.id               1 
_pdbx_refine_tls.details          ? 
_pdbx_refine_tls.method           refined 
_pdbx_refine_tls.origin_x         0.0160 
_pdbx_refine_tls.origin_y         -0.1228 
_pdbx_refine_tls.origin_z         0.2083 
_pdbx_refine_tls.T[1][1]          0.0044 
_pdbx_refine_tls.T[2][2]          0.0110 
_pdbx_refine_tls.T[3][3]          0.0124 
_pdbx_refine_tls.T[1][2]          -0.0030 
_pdbx_refine_tls.T[1][3]          -0.0030 
_pdbx_refine_tls.T[2][3]          -0.0032 
_pdbx_refine_tls.L[1][1]          1.7747 
_pdbx_refine_tls.L[2][2]          0.3836 
_pdbx_refine_tls.L[3][3]          8.1090 
_pdbx_refine_tls.L[1][2]          -0.2639 
_pdbx_refine_tls.L[1][3]          -3.3602 
_pdbx_refine_tls.L[2][3]          0.5412 
_pdbx_refine_tls.S[1][1]          -0.0279 
_pdbx_refine_tls.S[2][2]          -0.0526 
_pdbx_refine_tls.S[3][3]          0.0805 
_pdbx_refine_tls.S[1][2]          0.0601 
_pdbx_refine_tls.S[1][3]          -0.0110 
_pdbx_refine_tls.S[2][3]          0.0439 
_pdbx_refine_tls.S[2][1]          0.0164 
_pdbx_refine_tls.S[3][1]          0.0435 
_pdbx_refine_tls.S[3][2]          -0.0415 
_pdbx_refine_tls.pdbx_refine_id   'X-RAY DIFFRACTION' 
# 
_pdbx_refine_tls_group.id                  1 
_pdbx_refine_tls_group.refine_tls_id       1 
_pdbx_refine_tls_group.beg_auth_asym_id    A 
_pdbx_refine_tls_group.beg_auth_seq_id     8 
_pdbx_refine_tls_group.end_auth_asym_id    A 
_pdbx_refine_tls_group.end_auth_seq_id     58 
_pdbx_refine_tls_group.selection           ? 
_pdbx_refine_tls_group.beg_label_asym_id   . 
_pdbx_refine_tls_group.beg_label_seq_id    . 
_pdbx_refine_tls_group.end_label_asym_id   . 
_pdbx_refine_tls_group.end_label_seq_id    . 
_pdbx_refine_tls_group.pdbx_refine_id      'X-RAY DIFFRACTION' 
_pdbx_refine_tls_group.selection_details   ? 
# 
loop_
_pdbx_phasing_MAD_set.id 
_pdbx_phasing_MAD_set.d_res_high 
_pdbx_phasing_MAD_set.d_res_low 
_pdbx_phasing_MAD_set.reflns_acentric 
_pdbx_phasing_MAD_set.loc_acentric 
_pdbx_phasing_MAD_set.power_acentric 
_pdbx_phasing_MAD_set.R_cullis_acentric 
_pdbx_phasing_MAD_set.reflns_centric 
_pdbx_phasing_MAD_set.loc_centric 
_pdbx_phasing_MAD_set.power_centric 
_pdbx_phasing_MAD_set.R_cullis_centric 
1 1.90 20.00 4593 0.000 0.000 1.330 108 0.000 0.000 1.000 
2 1.90 20.00 4262 4.200 0.160 0.990 102 4.600 0.110 0.970 
# 
loop_
_pdbx_phasing_MAD_set_shell.id 
_pdbx_phasing_MAD_set_shell.d_res_high 
_pdbx_phasing_MAD_set_shell.d_res_low 
_pdbx_phasing_MAD_set_shell.reflns_acentric 
_pdbx_phasing_MAD_set_shell.loc_acentric 
_pdbx_phasing_MAD_set_shell.power_acentric 
_pdbx_phasing_MAD_set_shell.R_cullis_acentric 
_pdbx_phasing_MAD_set_shell.reflns_centric 
_pdbx_phasing_MAD_set_shell.loc_centric 
_pdbx_phasing_MAD_set_shell.power_centric 
_pdbx_phasing_MAD_set_shell.R_cullis_centric 
1 9.13 20.00 31   0.400  0.000 2.260 0  0.000  0.000 0.000 
1 5.92 9.13  103  0.200  0.000 1.420 4  0.200  0.000 1.000 
1 4.37 5.92  227  0.200  0.000 1.100 6  0.100  0.000 1.000 
1 3.47 4.37  382  0.100  0.000 0.950 11 0.100  0.000 1.000 
1 2.88 3.47  569  0.100  0.000 1.180 17 0.000  0.000 1.000 
1 2.46 2.88  807  0.000  0.000 2.250 18 0.000  0.000 1.000 
1 2.14 2.46  1077 0.000  0.000 3.270 24 0.000  0.000 1.000 
1 1.90 2.14  1397 0.000  0.000 1.620 28 0.000  0.000 1.000 
2 9.13 20.00 31   5.700  0.960 0.830 0  0.000  0.000 0.000 
2 5.92 9.13  103  7.500  0.490 0.980 4  11.800 0.400 0.820 
2 4.37 5.92  226  10.300 0.230 0.970 6  10.100 0.130 0.980 
2 3.47 4.37  382  8.900  0.160 0.990 11 10.200 0.070 0.990 
2 2.88 3.47  569  5.200  0.150 0.990 17 4.100  0.130 0.990 
2 2.46 2.88  807  3.600  0.130 0.990 18 3.500  0.080 1.000 
2 2.14 2.46  1077 2.900  0.080 1.000 24 2.300  0.060 1.000 
2 1.90 2.14  1067 2.300  0.060 1.000 22 2.600  0.020 1.000 
# 
loop_
_pdbx_phasing_MAD_set_site.id 
_pdbx_phasing_MAD_set_site.atom_type_symbol 
_pdbx_phasing_MAD_set_site.fract_x 
_pdbx_phasing_MAD_set_site.fract_y 
_pdbx_phasing_MAD_set_site.fract_z 
_pdbx_phasing_MAD_set_site.b_iso 
_pdbx_phasing_MAD_set_site.occupancy 
1  Br -0.344 -0.659 -0.059 32.55734  0.000  
2  Br -0.328 -0.310 -0.034 254.77559 0.000  
3  Br -0.328 -0.310 -0.034 169.20793 0.000  
4  Br -0.784 -0.233 -0.058 63.40574  0.000  
5  Br -0.808 -0.622 -0.457 65.87460  0.000  
6  Br -0.346 -0.659 -0.059 36.23496  -0.009 
7  Br -0.336 -0.315 -0.035 329.80746 -0.060 
8  Br -0.336 -0.315 -0.035 260.60501 -0.060 
9  Br -0.336 -0.315 -0.035 112.28146 -0.060 
10 Br -0.783 -0.235 -0.058 90.63460  -0.060 
11 Br -0.805 -0.624 -0.458 40.691    -0.015 
# 
loop_
_pdbx_phasing_MAD_shell.d_res_high 
_pdbx_phasing_MAD_shell.d_res_low 
_pdbx_phasing_MAD_shell.reflns 
_pdbx_phasing_MAD_shell.fom 
_pdbx_phasing_MAD_shell.reflns_centric 
_pdbx_phasing_MAD_shell.fom_centric 
_pdbx_phasing_MAD_shell.reflns_acentric 
_pdbx_phasing_MAD_shell.fom_acentric 
9.13 20.00 31   0.801 0  0.000 31   0.801 
5.92 9.13  107  0.648 4  0.501 103  0.654 
4.37 5.92  233  0.577 6  0.141 227  0.588 
3.47 4.37  393  0.505 11 0.066 382  0.518 
2.88 3.47  586  0.456 17 0.052 569  0.468 
2.46 2.88  825  0.427 18 0.048 807  0.435 
2.14 2.46  1101 0.275 24 0.022 1077 0.281 
1.90 2.14  1425 0.106 28 0.005 1397 0.108 
# 
_pdbx_phasing_dm.entry_id   3EFG 
_pdbx_phasing_dm.method     'Solvent flattening  and Histogram matching' 
_pdbx_phasing_dm.reflns     4701 
# 
loop_
_pdbx_phasing_dm_shell.d_res_high 
_pdbx_phasing_dm_shell.d_res_low 
_pdbx_phasing_dm_shell.delta_phi_final 
_pdbx_phasing_dm_shell.delta_phi_initial 
_pdbx_phasing_dm_shell.fom_acentric 
_pdbx_phasing_dm_shell.fom_centric 
_pdbx_phasing_dm_shell.fom 
_pdbx_phasing_dm_shell.reflns_acentric 
_pdbx_phasing_dm_shell.reflns_centric 
_pdbx_phasing_dm_shell.reflns 
3.970 100.000 61.800 ? ? ? 0.822 ? ? 501 
3.170 3.970   60.500 ? ? ? 0.841 ? ? 503 
2.770 3.170   64.000 ? ? ? 0.798 ? ? 507 
2.520 2.770   59.600 ? ? ? 0.809 ? ? 507 
2.340 2.520   60.400 ? ? ? 0.837 ? ? 501 
2.200 2.340   66.900 ? ? ? 0.836 ? ? 502 
2.090 2.200   73.000 ? ? ? 0.795 ? ? 502 
2.000 2.090   76.300 ? ? ? 0.756 ? ? 509 
1.900 2.000   80.100 ? ? ? 0.706 ? ? 669 
# 
_phasing.method   MAD 
# 
_phasing_MAD.entry_id               3EFG 
_phasing_MAD.pdbx_d_res_high        1.90 
_phasing_MAD.pdbx_d_res_low         20.00 
_phasing_MAD.pdbx_reflns            4701 
_phasing_MAD.pdbx_fom               0.319 
_phasing_MAD.pdbx_reflns_centric    108 
_phasing_MAD.pdbx_fom_centric       0.056 
_phasing_MAD.pdbx_reflns_acentric   4593 
_phasing_MAD.pdbx_fom_acentric      0.325 
# 
loop_
_pdbx_unobs_or_zero_occ_residues.id 
_pdbx_unobs_or_zero_occ_residues.PDB_model_num 
_pdbx_unobs_or_zero_occ_residues.polymer_flag 
_pdbx_unobs_or_zero_occ_residues.occupancy_flag 
_pdbx_unobs_or_zero_occ_residues.auth_asym_id 
_pdbx_unobs_or_zero_occ_residues.auth_comp_id 
_pdbx_unobs_or_zero_occ_residues.auth_seq_id 
_pdbx_unobs_or_zero_occ_residues.PDB_ins_code 
_pdbx_unobs_or_zero_occ_residues.label_asym_id 
_pdbx_unobs_or_zero_occ_residues.label_comp_id 
_pdbx_unobs_or_zero_occ_residues.label_seq_id 
1  1 Y 1 A MET 1  ? A MET 1  
2  1 Y 1 A HIS 2  ? A HIS 2  
3  1 Y 1 A GLU 3  ? A GLU 3  
4  1 Y 1 A GLN 4  ? A GLN 4  
5  1 Y 1 A LEU 5  ? A LEU 5  
6  1 Y 1 A SER 6  ? A SER 6  
7  1 Y 1 A PRO 7  ? A PRO 7  
8  1 Y 1 A GLY 59 ? A GLY 59 
9  1 Y 1 A LYS 60 ? A LYS 60 
10 1 Y 1 A VAL 61 ? A VAL 61 
11 1 Y 1 A ARG 62 ? A ARG 62 
12 1 Y 1 A SER 63 ? A SER 63 
13 1 Y 1 A THR 64 ? A THR 64 
14 1 Y 1 A LEU 65 ? A LEU 65 
15 1 Y 1 A PHE 66 ? A PHE 66 
16 1 Y 1 A ALA 67 ? A ALA 67 
17 1 Y 1 A ASP 68 ? A ASP 68 
18 1 Y 1 A ALA 69 ? A ALA 69 
19 1 Y 1 A ALA 70 ? A ALA 70 
20 1 Y 1 A ASP 71 ? A ASP 71 
21 1 Y 1 A GLU 72 ? A GLU 72 
22 1 Y 1 A PRO 73 ? A PRO 73 
23 1 Y 1 A PRO 74 ? A PRO 74 
24 1 Y 1 A PRO 75 ? A PRO 75 
25 1 Y 1 A PRO 76 ? A PRO 76 
26 1 Y 1 A HIS 77 ? A HIS 77 
27 1 Y 1 A TYR 78 ? A TYR 78 
# 
loop_
_chem_comp_atom.comp_id 
_chem_comp_atom.atom_id 
_chem_comp_atom.type_symbol 
_chem_comp_atom.pdbx_aromatic_flag 
_chem_comp_atom.pdbx_stereo_config 
_chem_comp_atom.pdbx_ordinal 
ALA N    N N N 1   
ALA CA   C N S 2   
ALA C    C N N 3   
ALA O    O N N 4   
ALA CB   C N N 5   
ALA OXT  O N N 6   
ALA H    H N N 7   
ALA H2   H N N 8   
ALA HA   H N N 9   
ALA HB1  H N N 10  
ALA HB2  H N N 11  
ALA HB3  H N N 12  
ALA HXT  H N N 13  
ARG N    N N N 14  
ARG CA   C N S 15  
ARG C    C N N 16  
ARG O    O N N 17  
ARG CB   C N N 18  
ARG CG   C N N 19  
ARG CD   C N N 20  
ARG NE   N N N 21  
ARG CZ   C N N 22  
ARG NH1  N N N 23  
ARG NH2  N N N 24  
ARG OXT  O N N 25  
ARG H    H N N 26  
ARG H2   H N N 27  
ARG HA   H N N 28  
ARG HB2  H N N 29  
ARG HB3  H N N 30  
ARG HG2  H N N 31  
ARG HG3  H N N 32  
ARG HD2  H N N 33  
ARG HD3  H N N 34  
ARG HE   H N N 35  
ARG HH11 H N N 36  
ARG HH12 H N N 37  
ARG HH21 H N N 38  
ARG HH22 H N N 39  
ARG HXT  H N N 40  
ASN N    N N N 41  
ASN CA   C N S 42  
ASN C    C N N 43  
ASN O    O N N 44  
ASN CB   C N N 45  
ASN CG   C N N 46  
ASN OD1  O N N 47  
ASN ND2  N N N 48  
ASN OXT  O N N 49  
ASN H    H N N 50  
ASN H2   H N N 51  
ASN HA   H N N 52  
ASN HB2  H N N 53  
ASN HB3  H N N 54  
ASN HD21 H N N 55  
ASN HD22 H N N 56  
ASN HXT  H N N 57  
ASP N    N N N 58  
ASP CA   C N S 59  
ASP C    C N N 60  
ASP O    O N N 61  
ASP CB   C N N 62  
ASP CG   C N N 63  
ASP OD1  O N N 64  
ASP OD2  O N N 65  
ASP OXT  O N N 66  
ASP H    H N N 67  
ASP H2   H N N 68  
ASP HA   H N N 69  
ASP HB2  H N N 70  
ASP HB3  H N N 71  
ASP HD2  H N N 72  
ASP HXT  H N N 73  
EDO C1   C N N 74  
EDO O1   O N N 75  
EDO C2   C N N 76  
EDO O2   O N N 77  
EDO H11  H N N 78  
EDO H12  H N N 79  
EDO HO1  H N N 80  
EDO H21  H N N 81  
EDO H22  H N N 82  
EDO HO2  H N N 83  
GLN N    N N N 84  
GLN CA   C N S 85  
GLN C    C N N 86  
GLN O    O N N 87  
GLN CB   C N N 88  
GLN CG   C N N 89  
GLN CD   C N N 90  
GLN OE1  O N N 91  
GLN NE2  N N N 92  
GLN OXT  O N N 93  
GLN H    H N N 94  
GLN H2   H N N 95  
GLN HA   H N N 96  
GLN HB2  H N N 97  
GLN HB3  H N N 98  
GLN HG2  H N N 99  
GLN HG3  H N N 100 
GLN HE21 H N N 101 
GLN HE22 H N N 102 
GLN HXT  H N N 103 
GLU N    N N N 104 
GLU CA   C N S 105 
GLU C    C N N 106 
GLU O    O N N 107 
GLU CB   C N N 108 
GLU CG   C N N 109 
GLU CD   C N N 110 
GLU OE1  O N N 111 
GLU OE2  O N N 112 
GLU OXT  O N N 113 
GLU H    H N N 114 
GLU H2   H N N 115 
GLU HA   H N N 116 
GLU HB2  H N N 117 
GLU HB3  H N N 118 
GLU HG2  H N N 119 
GLU HG3  H N N 120 
GLU HE2  H N N 121 
GLU HXT  H N N 122 
GLY N    N N N 123 
GLY CA   C N N 124 
GLY C    C N N 125 
GLY O    O N N 126 
GLY OXT  O N N 127 
GLY H    H N N 128 
GLY H2   H N N 129 
GLY HA2  H N N 130 
GLY HA3  H N N 131 
GLY HXT  H N N 132 
HIS N    N N N 133 
HIS CA   C N S 134 
HIS C    C N N 135 
HIS O    O N N 136 
HIS CB   C N N 137 
HIS CG   C Y N 138 
HIS ND1  N Y N 139 
HIS CD2  C Y N 140 
HIS CE1  C Y N 141 
HIS NE2  N Y N 142 
HIS OXT  O N N 143 
HIS H    H N N 144 
HIS H2   H N N 145 
HIS HA   H N N 146 
HIS HB2  H N N 147 
HIS HB3  H N N 148 
HIS HD1  H N N 149 
HIS HD2  H N N 150 
HIS HE1  H N N 151 
HIS HE2  H N N 152 
HIS HXT  H N N 153 
HOH O    O N N 154 
HOH H1   H N N 155 
HOH H2   H N N 156 
ILE N    N N N 157 
ILE CA   C N S 158 
ILE C    C N N 159 
ILE O    O N N 160 
ILE CB   C N S 161 
ILE CG1  C N N 162 
ILE CG2  C N N 163 
ILE CD1  C N N 164 
ILE OXT  O N N 165 
ILE H    H N N 166 
ILE H2   H N N 167 
ILE HA   H N N 168 
ILE HB   H N N 169 
ILE HG12 H N N 170 
ILE HG13 H N N 171 
ILE HG21 H N N 172 
ILE HG22 H N N 173 
ILE HG23 H N N 174 
ILE HD11 H N N 175 
ILE HD12 H N N 176 
ILE HD13 H N N 177 
ILE HXT  H N N 178 
LEU N    N N N 179 
LEU CA   C N S 180 
LEU C    C N N 181 
LEU O    O N N 182 
LEU CB   C N N 183 
LEU CG   C N N 184 
LEU CD1  C N N 185 
LEU CD2  C N N 186 
LEU OXT  O N N 187 
LEU H    H N N 188 
LEU H2   H N N 189 
LEU HA   H N N 190 
LEU HB2  H N N 191 
LEU HB3  H N N 192 
LEU HG   H N N 193 
LEU HD11 H N N 194 
LEU HD12 H N N 195 
LEU HD13 H N N 196 
LEU HD21 H N N 197 
LEU HD22 H N N 198 
LEU HD23 H N N 199 
LEU HXT  H N N 200 
LYS N    N N N 201 
LYS CA   C N S 202 
LYS C    C N N 203 
LYS O    O N N 204 
LYS CB   C N N 205 
LYS CG   C N N 206 
LYS CD   C N N 207 
LYS CE   C N N 208 
LYS NZ   N N N 209 
LYS OXT  O N N 210 
LYS H    H N N 211 
LYS H2   H N N 212 
LYS HA   H N N 213 
LYS HB2  H N N 214 
LYS HB3  H N N 215 
LYS HG2  H N N 216 
LYS HG3  H N N 217 
LYS HD2  H N N 218 
LYS HD3  H N N 219 
LYS HE2  H N N 220 
LYS HE3  H N N 221 
LYS HZ1  H N N 222 
LYS HZ2  H N N 223 
LYS HZ3  H N N 224 
LYS HXT  H N N 225 
MET N    N N N 226 
MET CA   C N S 227 
MET C    C N N 228 
MET O    O N N 229 
MET CB   C N N 230 
MET CG   C N N 231 
MET SD   S N N 232 
MET CE   C N N 233 
MET OXT  O N N 234 
MET H    H N N 235 
MET H2   H N N 236 
MET HA   H N N 237 
MET HB2  H N N 238 
MET HB3  H N N 239 
MET HG2  H N N 240 
MET HG3  H N N 241 
MET HE1  H N N 242 
MET HE2  H N N 243 
MET HE3  H N N 244 
MET HXT  H N N 245 
PHE N    N N N 246 
PHE CA   C N S 247 
PHE C    C N N 248 
PHE O    O N N 249 
PHE CB   C N N 250 
PHE CG   C Y N 251 
PHE CD1  C Y N 252 
PHE CD2  C Y N 253 
PHE CE1  C Y N 254 
PHE CE2  C Y N 255 
PHE CZ   C Y N 256 
PHE OXT  O N N 257 
PHE H    H N N 258 
PHE H2   H N N 259 
PHE HA   H N N 260 
PHE HB2  H N N 261 
PHE HB3  H N N 262 
PHE HD1  H N N 263 
PHE HD2  H N N 264 
PHE HE1  H N N 265 
PHE HE2  H N N 266 
PHE HZ   H N N 267 
PHE HXT  H N N 268 
PRO N    N N N 269 
PRO CA   C N S 270 
PRO C    C N N 271 
PRO O    O N N 272 
PRO CB   C N N 273 
PRO CG   C N N 274 
PRO CD   C N N 275 
PRO OXT  O N N 276 
PRO H    H N N 277 
PRO HA   H N N 278 
PRO HB2  H N N 279 
PRO HB3  H N N 280 
PRO HG2  H N N 281 
PRO HG3  H N N 282 
PRO HD2  H N N 283 
PRO HD3  H N N 284 
PRO HXT  H N N 285 
SER N    N N N 286 
SER CA   C N S 287 
SER C    C N N 288 
SER O    O N N 289 
SER CB   C N N 290 
SER OG   O N N 291 
SER OXT  O N N 292 
SER H    H N N 293 
SER H2   H N N 294 
SER HA   H N N 295 
SER HB2  H N N 296 
SER HB3  H N N 297 
SER HG   H N N 298 
SER HXT  H N N 299 
THR N    N N N 300 
THR CA   C N S 301 
THR C    C N N 302 
THR O    O N N 303 
THR CB   C N R 304 
THR OG1  O N N 305 
THR CG2  C N N 306 
THR OXT  O N N 307 
THR H    H N N 308 
THR H2   H N N 309 
THR HA   H N N 310 
THR HB   H N N 311 
THR HG1  H N N 312 
THR HG21 H N N 313 
THR HG22 H N N 314 
THR HG23 H N N 315 
THR HXT  H N N 316 
TYR N    N N N 317 
TYR CA   C N S 318 
TYR C    C N N 319 
TYR O    O N N 320 
TYR CB   C N N 321 
TYR CG   C Y N 322 
TYR CD1  C Y N 323 
TYR CD2  C Y N 324 
TYR CE1  C Y N 325 
TYR CE2  C Y N 326 
TYR CZ   C Y N 327 
TYR OH   O N N 328 
TYR OXT  O N N 329 
TYR H    H N N 330 
TYR H2   H N N 331 
TYR HA   H N N 332 
TYR HB2  H N N 333 
TYR HB3  H N N 334 
TYR HD1  H N N 335 
TYR HD2  H N N 336 
TYR HE1  H N N 337 
TYR HE2  H N N 338 
TYR HH   H N N 339 
TYR HXT  H N N 340 
VAL N    N N N 341 
VAL CA   C N S 342 
VAL C    C N N 343 
VAL O    O N N 344 
VAL CB   C N N 345 
VAL CG1  C N N 346 
VAL CG2  C N N 347 
VAL OXT  O N N 348 
VAL H    H N N 349 
VAL H2   H N N 350 
VAL HA   H N N 351 
VAL HB   H N N 352 
VAL HG11 H N N 353 
VAL HG12 H N N 354 
VAL HG13 H N N 355 
VAL HG21 H N N 356 
VAL HG22 H N N 357 
VAL HG23 H N N 358 
VAL HXT  H N N 359 
# 
loop_
_chem_comp_bond.comp_id 
_chem_comp_bond.atom_id_1 
_chem_comp_bond.atom_id_2 
_chem_comp_bond.value_order 
_chem_comp_bond.pdbx_aromatic_flag 
_chem_comp_bond.pdbx_stereo_config 
_chem_comp_bond.pdbx_ordinal 
ALA N   CA   sing N N 1   
ALA N   H    sing N N 2   
ALA N   H2   sing N N 3   
ALA CA  C    sing N N 4   
ALA CA  CB   sing N N 5   
ALA CA  HA   sing N N 6   
ALA C   O    doub N N 7   
ALA C   OXT  sing N N 8   
ALA CB  HB1  sing N N 9   
ALA CB  HB2  sing N N 10  
ALA CB  HB3  sing N N 11  
ALA OXT HXT  sing N N 12  
ARG N   CA   sing N N 13  
ARG N   H    sing N N 14  
ARG N   H2   sing N N 15  
ARG CA  C    sing N N 16  
ARG CA  CB   sing N N 17  
ARG CA  HA   sing N N 18  
ARG C   O    doub N N 19  
ARG C   OXT  sing N N 20  
ARG CB  CG   sing N N 21  
ARG CB  HB2  sing N N 22  
ARG CB  HB3  sing N N 23  
ARG CG  CD   sing N N 24  
ARG CG  HG2  sing N N 25  
ARG CG  HG3  sing N N 26  
ARG CD  NE   sing N N 27  
ARG CD  HD2  sing N N 28  
ARG CD  HD3  sing N N 29  
ARG NE  CZ   sing N N 30  
ARG NE  HE   sing N N 31  
ARG CZ  NH1  sing N N 32  
ARG CZ  NH2  doub N N 33  
ARG NH1 HH11 sing N N 34  
ARG NH1 HH12 sing N N 35  
ARG NH2 HH21 sing N N 36  
ARG NH2 HH22 sing N N 37  
ARG OXT HXT  sing N N 38  
ASN N   CA   sing N N 39  
ASN N   H    sing N N 40  
ASN N   H2   sing N N 41  
ASN CA  C    sing N N 42  
ASN CA  CB   sing N N 43  
ASN CA  HA   sing N N 44  
ASN C   O    doub N N 45  
ASN C   OXT  sing N N 46  
ASN CB  CG   sing N N 47  
ASN CB  HB2  sing N N 48  
ASN CB  HB3  sing N N 49  
ASN CG  OD1  doub N N 50  
ASN CG  ND2  sing N N 51  
ASN ND2 HD21 sing N N 52  
ASN ND2 HD22 sing N N 53  
ASN OXT HXT  sing N N 54  
ASP N   CA   sing N N 55  
ASP N   H    sing N N 56  
ASP N   H2   sing N N 57  
ASP CA  C    sing N N 58  
ASP CA  CB   sing N N 59  
ASP CA  HA   sing N N 60  
ASP C   O    doub N N 61  
ASP C   OXT  sing N N 62  
ASP CB  CG   sing N N 63  
ASP CB  HB2  sing N N 64  
ASP CB  HB3  sing N N 65  
ASP CG  OD1  doub N N 66  
ASP CG  OD2  sing N N 67  
ASP OD2 HD2  sing N N 68  
ASP OXT HXT  sing N N 69  
EDO C1  O1   sing N N 70  
EDO C1  C2   sing N N 71  
EDO C1  H11  sing N N 72  
EDO C1  H12  sing N N 73  
EDO O1  HO1  sing N N 74  
EDO C2  O2   sing N N 75  
EDO C2  H21  sing N N 76  
EDO C2  H22  sing N N 77  
EDO O2  HO2  sing N N 78  
GLN N   CA   sing N N 79  
GLN N   H    sing N N 80  
GLN N   H2   sing N N 81  
GLN CA  C    sing N N 82  
GLN CA  CB   sing N N 83  
GLN CA  HA   sing N N 84  
GLN C   O    doub N N 85  
GLN C   OXT  sing N N 86  
GLN CB  CG   sing N N 87  
GLN CB  HB2  sing N N 88  
GLN CB  HB3  sing N N 89  
GLN CG  CD   sing N N 90  
GLN CG  HG2  sing N N 91  
GLN CG  HG3  sing N N 92  
GLN CD  OE1  doub N N 93  
GLN CD  NE2  sing N N 94  
GLN NE2 HE21 sing N N 95  
GLN NE2 HE22 sing N N 96  
GLN OXT HXT  sing N N 97  
GLU N   CA   sing N N 98  
GLU N   H    sing N N 99  
GLU N   H2   sing N N 100 
GLU CA  C    sing N N 101 
GLU CA  CB   sing N N 102 
GLU CA  HA   sing N N 103 
GLU C   O    doub N N 104 
GLU C   OXT  sing N N 105 
GLU CB  CG   sing N N 106 
GLU CB  HB2  sing N N 107 
GLU CB  HB3  sing N N 108 
GLU CG  CD   sing N N 109 
GLU CG  HG2  sing N N 110 
GLU CG  HG3  sing N N 111 
GLU CD  OE1  doub N N 112 
GLU CD  OE2  sing N N 113 
GLU OE2 HE2  sing N N 114 
GLU OXT HXT  sing N N 115 
GLY N   CA   sing N N 116 
GLY N   H    sing N N 117 
GLY N   H2   sing N N 118 
GLY CA  C    sing N N 119 
GLY CA  HA2  sing N N 120 
GLY CA  HA3  sing N N 121 
GLY C   O    doub N N 122 
GLY C   OXT  sing N N 123 
GLY OXT HXT  sing N N 124 
HIS N   CA   sing N N 125 
HIS N   H    sing N N 126 
HIS N   H2   sing N N 127 
HIS CA  C    sing N N 128 
HIS CA  CB   sing N N 129 
HIS CA  HA   sing N N 130 
HIS C   O    doub N N 131 
HIS C   OXT  sing N N 132 
HIS CB  CG   sing N N 133 
HIS CB  HB2  sing N N 134 
HIS CB  HB3  sing N N 135 
HIS CG  ND1  sing Y N 136 
HIS CG  CD2  doub Y N 137 
HIS ND1 CE1  doub Y N 138 
HIS ND1 HD1  sing N N 139 
HIS CD2 NE2  sing Y N 140 
HIS CD2 HD2  sing N N 141 
HIS CE1 NE2  sing Y N 142 
HIS CE1 HE1  sing N N 143 
HIS NE2 HE2  sing N N 144 
HIS OXT HXT  sing N N 145 
HOH O   H1   sing N N 146 
HOH O   H2   sing N N 147 
ILE N   CA   sing N N 148 
ILE N   H    sing N N 149 
ILE N   H2   sing N N 150 
ILE CA  C    sing N N 151 
ILE CA  CB   sing N N 152 
ILE CA  HA   sing N N 153 
ILE C   O    doub N N 154 
ILE C   OXT  sing N N 155 
ILE CB  CG1  sing N N 156 
ILE CB  CG2  sing N N 157 
ILE CB  HB   sing N N 158 
ILE CG1 CD1  sing N N 159 
ILE CG1 HG12 sing N N 160 
ILE CG1 HG13 sing N N 161 
ILE CG2 HG21 sing N N 162 
ILE CG2 HG22 sing N N 163 
ILE CG2 HG23 sing N N 164 
ILE CD1 HD11 sing N N 165 
ILE CD1 HD12 sing N N 166 
ILE CD1 HD13 sing N N 167 
ILE OXT HXT  sing N N 168 
LEU N   CA   sing N N 169 
LEU N   H    sing N N 170 
LEU N   H2   sing N N 171 
LEU CA  C    sing N N 172 
LEU CA  CB   sing N N 173 
LEU CA  HA   sing N N 174 
LEU C   O    doub N N 175 
LEU C   OXT  sing N N 176 
LEU CB  CG   sing N N 177 
LEU CB  HB2  sing N N 178 
LEU CB  HB3  sing N N 179 
LEU CG  CD1  sing N N 180 
LEU CG  CD2  sing N N 181 
LEU CG  HG   sing N N 182 
LEU CD1 HD11 sing N N 183 
LEU CD1 HD12 sing N N 184 
LEU CD1 HD13 sing N N 185 
LEU CD2 HD21 sing N N 186 
LEU CD2 HD22 sing N N 187 
LEU CD2 HD23 sing N N 188 
LEU OXT HXT  sing N N 189 
LYS N   CA   sing N N 190 
LYS N   H    sing N N 191 
LYS N   H2   sing N N 192 
LYS CA  C    sing N N 193 
LYS CA  CB   sing N N 194 
LYS CA  HA   sing N N 195 
LYS C   O    doub N N 196 
LYS C   OXT  sing N N 197 
LYS CB  CG   sing N N 198 
LYS CB  HB2  sing N N 199 
LYS CB  HB3  sing N N 200 
LYS CG  CD   sing N N 201 
LYS CG  HG2  sing N N 202 
LYS CG  HG3  sing N N 203 
LYS CD  CE   sing N N 204 
LYS CD  HD2  sing N N 205 
LYS CD  HD3  sing N N 206 
LYS CE  NZ   sing N N 207 
LYS CE  HE2  sing N N 208 
LYS CE  HE3  sing N N 209 
LYS NZ  HZ1  sing N N 210 
LYS NZ  HZ2  sing N N 211 
LYS NZ  HZ3  sing N N 212 
LYS OXT HXT  sing N N 213 
MET N   CA   sing N N 214 
MET N   H    sing N N 215 
MET N   H2   sing N N 216 
MET CA  C    sing N N 217 
MET CA  CB   sing N N 218 
MET CA  HA   sing N N 219 
MET C   O    doub N N 220 
MET C   OXT  sing N N 221 
MET CB  CG   sing N N 222 
MET CB  HB2  sing N N 223 
MET CB  HB3  sing N N 224 
MET CG  SD   sing N N 225 
MET CG  HG2  sing N N 226 
MET CG  HG3  sing N N 227 
MET SD  CE   sing N N 228 
MET CE  HE1  sing N N 229 
MET CE  HE2  sing N N 230 
MET CE  HE3  sing N N 231 
MET OXT HXT  sing N N 232 
PHE N   CA   sing N N 233 
PHE N   H    sing N N 234 
PHE N   H2   sing N N 235 
PHE CA  C    sing N N 236 
PHE CA  CB   sing N N 237 
PHE CA  HA   sing N N 238 
PHE C   O    doub N N 239 
PHE C   OXT  sing N N 240 
PHE CB  CG   sing N N 241 
PHE CB  HB2  sing N N 242 
PHE CB  HB3  sing N N 243 
PHE CG  CD1  doub Y N 244 
PHE CG  CD2  sing Y N 245 
PHE CD1 CE1  sing Y N 246 
PHE CD1 HD1  sing N N 247 
PHE CD2 CE2  doub Y N 248 
PHE CD2 HD2  sing N N 249 
PHE CE1 CZ   doub Y N 250 
PHE CE1 HE1  sing N N 251 
PHE CE2 CZ   sing Y N 252 
PHE CE2 HE2  sing N N 253 
PHE CZ  HZ   sing N N 254 
PHE OXT HXT  sing N N 255 
PRO N   CA   sing N N 256 
PRO N   CD   sing N N 257 
PRO N   H    sing N N 258 
PRO CA  C    sing N N 259 
PRO CA  CB   sing N N 260 
PRO CA  HA   sing N N 261 
PRO C   O    doub N N 262 
PRO C   OXT  sing N N 263 
PRO CB  CG   sing N N 264 
PRO CB  HB2  sing N N 265 
PRO CB  HB3  sing N N 266 
PRO CG  CD   sing N N 267 
PRO CG  HG2  sing N N 268 
PRO CG  HG3  sing N N 269 
PRO CD  HD2  sing N N 270 
PRO CD  HD3  sing N N 271 
PRO OXT HXT  sing N N 272 
SER N   CA   sing N N 273 
SER N   H    sing N N 274 
SER N   H2   sing N N 275 
SER CA  C    sing N N 276 
SER CA  CB   sing N N 277 
SER CA  HA   sing N N 278 
SER C   O    doub N N 279 
SER C   OXT  sing N N 280 
SER CB  OG   sing N N 281 
SER CB  HB2  sing N N 282 
SER CB  HB3  sing N N 283 
SER OG  HG   sing N N 284 
SER OXT HXT  sing N N 285 
THR N   CA   sing N N 286 
THR N   H    sing N N 287 
THR N   H2   sing N N 288 
THR CA  C    sing N N 289 
THR CA  CB   sing N N 290 
THR CA  HA   sing N N 291 
THR C   O    doub N N 292 
THR C   OXT  sing N N 293 
THR CB  OG1  sing N N 294 
THR CB  CG2  sing N N 295 
THR CB  HB   sing N N 296 
THR OG1 HG1  sing N N 297 
THR CG2 HG21 sing N N 298 
THR CG2 HG22 sing N N 299 
THR CG2 HG23 sing N N 300 
THR OXT HXT  sing N N 301 
TYR N   CA   sing N N 302 
TYR N   H    sing N N 303 
TYR N   H2   sing N N 304 
TYR CA  C    sing N N 305 
TYR CA  CB   sing N N 306 
TYR CA  HA   sing N N 307 
TYR C   O    doub N N 308 
TYR C   OXT  sing N N 309 
TYR CB  CG   sing N N 310 
TYR CB  HB2  sing N N 311 
TYR CB  HB3  sing N N 312 
TYR CG  CD1  doub Y N 313 
TYR CG  CD2  sing Y N 314 
TYR CD1 CE1  sing Y N 315 
TYR CD1 HD1  sing N N 316 
TYR CD2 CE2  doub Y N 317 
TYR CD2 HD2  sing N N 318 
TYR CE1 CZ   doub Y N 319 
TYR CE1 HE1  sing N N 320 
TYR CE2 CZ   sing Y N 321 
TYR CE2 HE2  sing N N 322 
TYR CZ  OH   sing N N 323 
TYR OH  HH   sing N N 324 
TYR OXT HXT  sing N N 325 
VAL N   CA   sing N N 326 
VAL N   H    sing N N 327 
VAL N   H2   sing N N 328 
VAL CA  C    sing N N 329 
VAL CA  CB   sing N N 330 
VAL CA  HA   sing N N 331 
VAL C   O    doub N N 332 
VAL C   OXT  sing N N 333 
VAL CB  CG1  sing N N 334 
VAL CB  CG2  sing N N 335 
VAL CB  HB   sing N N 336 
VAL CG1 HG11 sing N N 337 
VAL CG1 HG12 sing N N 338 
VAL CG1 HG13 sing N N 339 
VAL CG2 HG21 sing N N 340 
VAL CG2 HG22 sing N N 341 
VAL CG2 HG23 sing N N 342 
VAL OXT HXT  sing N N 343 
# 
_atom_sites.entry_id                    3EFG 
_atom_sites.fract_transf_matrix[1][1]   0.02693961 
_atom_sites.fract_transf_matrix[1][2]   -0.00116889 
_atom_sites.fract_transf_matrix[1][3]   0.01745943 
_atom_sites.fract_transf_matrix[2][1]   0.01340896 
_atom_sites.fract_transf_matrix[2][2]   -0.02834851 
_atom_sites.fract_transf_matrix[2][3]   0.00696514 
_atom_sites.fract_transf_matrix[3][1]   0.00665752 
_atom_sites.fract_transf_matrix[3][2]   0.00063558 
_atom_sites.fract_transf_matrix[3][3]   -0.01022989 
_atom_sites.fract_transf_vector[1]      0.273071 
_atom_sites.fract_transf_vector[2]      0.552703 
_atom_sites.fract_transf_vector[3]      0.480876 
# 
loop_
_atom_type.symbol 
C 
N 
O 
# 
loop_
_atom_site.group_PDB 
_atom_site.id 
_atom_site.type_symbol 
_atom_site.label_atom_id 
_atom_site.label_alt_id 
_atom_site.label_comp_id 
_atom_site.label_asym_id 
_atom_site.label_entity_id 
_atom_site.label_seq_id 
_atom_site.pdbx_PDB_ins_code 
_atom_site.Cartn_x 
_atom_site.Cartn_y 
_atom_site.Cartn_z 
_atom_site.occupancy 
_atom_site.B_iso_or_equiv 
_atom_site.pdbx_formal_charge 
_atom_site.auth_seq_id 
_atom_site.auth_comp_id 
_atom_site.auth_asym_id 
_atom_site.auth_atom_id 
_atom_site.pdbx_PDB_model_num 
ATOM   1   N N   . ARG A 1 8  ? -15.946 0.444  36.987  1.00 64.28 ? 8   ARG A N   1 
ATOM   2   C CA  . ARG A 1 8  ? -14.529 0.935  37.059  1.00 64.25 ? 8   ARG A CA  1 
ATOM   3   C C   . ARG A 1 8  ? -13.598 0.204  36.083  1.00 63.89 ? 8   ARG A C   1 
ATOM   4   O O   . ARG A 1 8  ? -12.409 0.518  36.023  1.00 64.15 ? 8   ARG A O   1 
ATOM   5   C CB  . ARG A 1 8  ? -13.986 0.781  38.484  1.00 64.34 ? 8   ARG A CB  1 
ATOM   6   N N   . ASP A 1 9  ? -14.173 -0.740 35.323  1.00 63.30 ? 9   ASP A N   1 
ATOM   7   C CA  . ASP A 1 9  ? -13.494 -1.642 34.352  1.00 62.71 ? 9   ASP A CA  1 
ATOM   8   C C   . ASP A 1 9  ? -13.199 -0.965 32.983  1.00 61.34 ? 9   ASP A C   1 
ATOM   9   O O   . ASP A 1 9  ? -13.085 -1.640 31.943  1.00 61.27 ? 9   ASP A O   1 
ATOM   10  C CB  . ASP A 1 9  ? -14.426 -2.849 34.138  1.00 63.22 ? 9   ASP A CB  1 
ATOM   11  C CG  . ASP A 1 9  ? -13.715 -4.085 33.609  1.00 65.36 ? 9   ASP A CG  1 
ATOM   12  O OD1 . ASP A 1 9  ? -14.171 -4.619 32.563  1.00 68.15 ? 9   ASP A OD1 1 
ATOM   13  O OD2 . ASP A 1 9  ? -12.732 -4.540 34.245  1.00 67.24 ? 9   ASP A OD2 1 
ATOM   14  N N   . GLN A 1 10 ? -13.049 0.367  33.023  1.00 59.55 ? 10  GLN A N   1 
ATOM   15  C CA  . GLN A 1 10 ? -12.855 1.257  31.854  1.00 57.71 ? 10  GLN A CA  1 
ATOM   16  C C   . GLN A 1 10 ? -11.508 1.021  31.165  1.00 55.15 ? 10  GLN A C   1 
ATOM   17  O O   . GLN A 1 10 ? -11.193 1.651  30.144  1.00 53.43 ? 10  GLN A O   1 
ATOM   18  C CB  . GLN A 1 10 ? -12.980 2.743  32.295  1.00 58.28 ? 10  GLN A CB  1 
ATOM   19  C CG  . GLN A 1 10 ? -14.452 3.251  32.440  1.00 60.28 ? 10  GLN A CG  1 
ATOM   20  C CD  . GLN A 1 10 ? -14.695 4.235  33.606  1.00 62.58 ? 10  GLN A CD  1 
ATOM   21  O OE1 . GLN A 1 10 ? -13.760 4.675  34.282  1.00 64.20 ? 10  GLN A OE1 1 
ATOM   22  N NE2 . GLN A 1 10 ? -15.969 4.577  33.834  1.00 63.06 ? 10  GLN A NE2 1 
ATOM   23  N N   . GLU A 1 11 ? -10.720 0.129  31.767  1.00 52.71 ? 11  GLU A N   1 
ATOM   24  C CA  . GLU A 1 11 ? -9.526  -0.446 31.159  1.00 50.85 ? 11  GLU A CA  1 
ATOM   25  C C   . GLU A 1 11 ? -9.823  -1.014 29.780  1.00 47.75 ? 11  GLU A C   1 
ATOM   26  O O   . GLU A 1 11 ? -9.054  -0.811 28.845  1.00 47.50 ? 11  GLU A O   1 
ATOM   27  C CB  . GLU A 1 11 ? -8.960  -1.525 32.088  1.00 51.48 ? 11  GLU A CB  1 
ATOM   28  C CG  . GLU A 1 11 ? -7.998  -2.518 31.435  1.00 54.04 ? 11  GLU A CG  1 
ATOM   29  C CD  . GLU A 1 11 ? -8.680  -3.820 31.031  1.00 57.48 ? 11  GLU A CD  1 
ATOM   30  O OE1 . GLU A 1 11 ? -9.303  -4.460 31.917  1.00 59.24 ? 11  GLU A OE1 1 
ATOM   31  O OE2 . GLU A 1 11 ? -8.584  -4.202 29.837  1.00 59.95 ? 11  GLU A OE2 1 
ATOM   32  N N   . LEU A 1 12 ? -10.947 -1.702 29.654  1.00 44.65 ? 12  LEU A N   1 
ATOM   33  C CA  . LEU A 1 12 ? -11.345 -2.282 28.375  1.00 42.38 ? 12  LEU A CA  1 
ATOM   34  C C   . LEU A 1 12 ? -11.625 -1.229 27.291  1.00 40.27 ? 12  LEU A C   1 
ATOM   35  O O   . LEU A 1 12 ? -11.284 -1.426 26.140  1.00 38.56 ? 12  LEU A O   1 
ATOM   36  C CB  . LEU A 1 12 ? -12.563 -3.179 28.553  1.00 42.24 ? 12  LEU A CB  1 
ATOM   37  C CG  . LEU A 1 12 ? -12.337 -4.480 29.349  1.00 42.59 ? 12  LEU A CG  1 
ATOM   38  C CD1 . LEU A 1 12 ? -13.647 -5.278 29.378  1.00 42.87 ? 12  LEU A CD1 1 
ATOM   39  C CD2 . LEU A 1 12 ? -11.173 -5.356 28.807  1.00 42.57 ? 12  LEU A CD2 1 
ATOM   40  N N   . GLU A 1 13 ? -12.248 -0.120 27.673  1.00 38.46 ? 13  GLU A N   1 
ATOM   41  C CA  . GLU A 1 13 ? -12.612 0.937  26.730  1.00 37.53 ? 13  GLU A CA  1 
ATOM   42  C C   . GLU A 1 13 ? -11.385 1.710  26.238  1.00 36.06 ? 13  GLU A C   1 
ATOM   43  O O   . GLU A 1 13 ? -11.310 2.085  25.077  1.00 35.87 ? 13  GLU A O   1 
ATOM   44  C CB  . GLU A 1 13 ? -13.653 1.891  27.331  1.00 37.28 ? 13  GLU A CB  1 
ATOM   45  C CG  . GLU A 1 13 ? -14.169 2.902  26.303  1.00 38.07 ? 13  GLU A CG  1 
ATOM   46  C CD  . GLU A 1 13 ? -15.290 3.787  26.801  1.00 39.14 ? 13  GLU A CD  1 
ATOM   47  O OE1 . GLU A 1 13 ? -15.609 3.722  27.999  1.00 37.65 ? 13  GLU A OE1 1 
ATOM   48  O OE2 . GLU A 1 13 ? -15.857 4.548  25.969  1.00 40.54 ? 13  GLU A OE2 1 
ATOM   49  N N   . ALA A 1 14 ? -10.430 1.912  27.135  1.00 34.69 ? 14  ALA A N   1 
ATOM   50  C CA  . ALA A 1 14 ? -9.202  2.543  26.794  1.00 33.73 ? 14  ALA A CA  1 
ATOM   51  C C   . ALA A 1 14 ? -8.501  1.663  25.775  1.00 33.53 ? 14  ALA A C   1 
ATOM   52  O O   . ALA A 1 14 ? -8.003  2.152  24.763  1.00 33.30 ? 14  ALA A O   1 
ATOM   53  C CB  . ALA A 1 14 ? -8.343  2.763  28.049  1.00 33.03 ? 14  ALA A CB  1 
ATOM   54  N N   . ARG A 1 15 ? -8.457  0.358  26.008  1.00 33.43 ? 15  ARG A N   1 
ATOM   55  C CA  . ARG A 1 15 ? -7.841  -0.540 25.027  1.00 33.27 ? 15  ARG A CA  1 
ATOM   56  C C   . ARG A 1 15 ? -8.549  -0.494 23.685  1.00 32.18 ? 15  ARG A C   1 
ATOM   57  O O   . ARG A 1 15 ? -7.910  -0.462 22.642  1.00 31.79 ? 15  ARG A O   1 
ATOM   58  C CB  . ARG A 1 15 ? -7.874  -1.967 25.491  1.00 33.91 ? 15  ARG A CB  1 
ATOM   59  C CG  . ARG A 1 15 ? -7.042  -2.309 26.698  1.00 36.84 ? 15  ARG A CG  1 
ATOM   60  C CD  . ARG A 1 15 ? -6.523  -3.712 26.467  1.00 41.23 ? 15  ARG A CD  1 
ATOM   61  N NE  . ARG A 1 15 ? -6.689  -4.610 27.580  1.00 43.84 ? 15  ARG A NE  1 
ATOM   62  C CZ  . ARG A 1 15 ? -6.445  -5.916 27.513  1.00 44.57 ? 15  ARG A CZ  1 
ATOM   63  N NH1 . ARG A 1 15 ? -6.615  -6.652 28.599  1.00 46.81 ? 15  ARG A NH1 1 
ATOM   64  N NH2 . ARG A 1 15 ? -6.023  -6.487 26.387  1.00 42.11 ? 15  ARG A NH2 1 
ATOM   65  N N   . LEU A 1 16 ? -9.868  -0.492 23.697  1.00 30.99 ? 16  LEU A N   1 
ATOM   66  C CA  . LEU A 1 16 ? -10.589 -0.361 22.430  1.00 31.63 ? 16  LEU A CA  1 
ATOM   67  C C   . LEU A 1 16 ? -10.149 0.907  21.679  1.00 31.30 ? 16  LEU A C   1 
ATOM   68  O O   . LEU A 1 16 ? -10.003 0.913  20.451  1.00 30.78 ? 16  LEU A O   1 
ATOM   69  C CB  . LEU A 1 16 ? -12.107 -0.276 22.646  1.00 31.56 ? 16  LEU A CB  1 
ATOM   70  C CG  . LEU A 1 16 ? -12.980 -1.513 22.791  1.00 33.38 ? 16  LEU A CG  1 
ATOM   71  C CD1 . LEU A 1 16 ? -14.390 -1.065 23.112  1.00 33.72 ? 16  LEU A CD1 1 
ATOM   72  C CD2 . LEU A 1 16 ? -12.983 -2.327 21.533  1.00 34.64 ? 16  LEU A CD2 1 
ATOM   73  N N   . VAL A 1 17 ? -10.029 2.002  22.423  1.00 30.99 ? 17  VAL A N   1 
ATOM   74  C CA  . VAL A 1 17 ? -9.679  3.274  21.836  1.00 30.61 ? 17  VAL A CA  1 
ATOM   75  C C   . VAL A 1 17 ? -8.296  3.188  21.214  1.00 30.24 ? 17  VAL A C   1 
ATOM   76  O O   . VAL A 1 17 ? -8.084  3.685  20.092  1.00 29.55 ? 17  VAL A O   1 
ATOM   77  C CB  . VAL A 1 17 ? -9.744  4.409  22.857  1.00 30.69 ? 17  VAL A CB  1 
ATOM   78  C CG1 . VAL A 1 17 ? -9.011  5.645  22.324  1.00 30.33 ? 17  VAL A CG1 1 
ATOM   79  C CG2 . VAL A 1 17 ? -11.187 4.729  23.170  1.00 31.21 ? 17  VAL A CG2 1 
ATOM   80  N N   . GLU A 1 18 ? -7.371  2.532  21.917  1.00 29.90 ? 18  GLU A N   1 
ATOM   81  C CA  . GLU A 1 18 ? -6.032  2.307  21.377  1.00 30.25 ? 18  GLU A CA  1 
ATOM   82  C C   . GLU A 1 18 ? -6.042  1.476  20.085  1.00 30.24 ? 18  GLU A C   1 
ATOM   83  O O   . GLU A 1 18 ? -5.340  1.792  19.137  1.00 28.56 ? 18  GLU A O   1 
ATOM   84  C CB  . GLU A 1 18 ? -5.164  1.596  22.410  1.00 30.61 ? 18  GLU A CB  1 
ATOM   85  C CG  . GLU A 1 18 ? -4.654  2.467  23.527  1.00 34.02 ? 18  GLU A CG  1 
ATOM   86  C CD  . GLU A 1 18 ? -4.201  1.643  24.753  1.00 37.62 ? 18  GLU A CD  1 
ATOM   87  O OE1 . GLU A 1 18 ? -4.110  0.396  24.654  1.00 41.26 ? 18  GLU A OE1 1 
ATOM   88  O OE2 . GLU A 1 18 ? -3.975  2.233  25.817  1.00 39.68 ? 18  GLU A OE2 1 
ATOM   89  N N   . LEU A 1 19 ? -6.834  0.401  20.052  1.00 30.65 ? 19  LEU A N   1 
ATOM   90  C CA  . LEU A 1 19 ? -6.870  -0.466 18.868  1.00 30.71 ? 19  LEU A CA  1 
ATOM   91  C C   . LEU A 1 19 ? -7.509  0.264  17.717  1.00 30.11 ? 19  LEU A C   1 
ATOM   92  O O   . LEU A 1 19 ? -7.010  0.192  16.612  1.00 30.60 ? 19  LEU A O   1 
ATOM   93  C CB  . LEU A 1 19 ? -7.612  -1.799 19.125  1.00 31.10 ? 19  LEU A CB  1 
ATOM   94  C CG  . LEU A 1 19 ? -7.120  -2.751 20.236  1.00 33.59 ? 19  LEU A CG  1 
ATOM   95  C CD1 . LEU A 1 19 ? -7.931  -4.071 20.272  1.00 35.12 ? 19  LEU A CD1 1 
ATOM   96  C CD2 . LEU A 1 19 ? -5.630  -3.057 20.140  1.00 38.16 ? 19  LEU A CD2 1 
ATOM   97  N N   . GLU A 1 20 ? -8.605  0.971  17.966  1.00 30.28 ? 20  GLU A N   1 
ATOM   98  C CA  A GLU A 1 20 ? -9.246  1.814  16.957  0.50 30.31 ? 20  GLU A CA  1 
ATOM   99  C CA  B GLU A 1 20 ? -9.248  1.766  16.917  0.50 30.28 ? 20  GLU A CA  1 
ATOM   100 C C   . GLU A 1 20 ? -8.245  2.744  16.328  1.00 29.90 ? 20  GLU A C   1 
ATOM   101 O O   . GLU A 1 20 ? -8.173  2.874  15.126  1.00 28.90 ? 20  GLU A O   1 
ATOM   102 C CB  A GLU A 1 20 ? -10.336 2.673  17.585  0.50 30.88 ? 20  GLU A CB  1 
ATOM   103 C CB  B GLU A 1 20 ? -10.516 2.489  17.421  0.50 30.82 ? 20  GLU A CB  1 
ATOM   104 C CG  A GLU A 1 20 ? -11.206 3.445  16.579  0.50 33.51 ? 20  GLU A CG  1 
ATOM   105 C CG  B GLU A 1 20 ? -10.790 3.923  16.838  0.50 33.28 ? 20  GLU A CG  1 
ATOM   106 C CD  A GLU A 1 20 ? -10.649 4.818  16.122  0.50 35.62 ? 20  GLU A CD  1 
ATOM   107 C CD  B GLU A 1 20 ? -11.982 4.028  15.842  0.50 36.18 ? 20  GLU A CD  1 
ATOM   108 O OE1 A GLU A 1 20 ? -10.568 5.781  16.923  0.50 38.06 ? 20  GLU A OE1 1 
ATOM   109 O OE1 B GLU A 1 20 ? -13.170 3.937  16.270  0.50 37.22 ? 20  GLU A OE1 1 
ATOM   110 O OE2 A GLU A 1 20 ? -10.350 4.936  14.920  0.50 39.07 ? 20  GLU A OE2 1 
ATOM   111 O OE2 B GLU A 1 20 ? -11.716 4.255  14.633  0.50 36.22 ? 20  GLU A OE2 1 
ATOM   112 N N   . THR A 1 21 ? -7.476  3.417  17.168  1.00 29.71 ? 21  THR A N   1 
ATOM   113 C CA  . THR A 1 21 ? -6.452  4.362  16.672  1.00 30.25 ? 21  THR A CA  1 
ATOM   114 C C   . THR A 1 21 ? -5.372  3.705  15.811  1.00 30.78 ? 21  THR A C   1 
ATOM   115 O O   . THR A 1 21 ? -5.021  4.206  14.741  1.00 30.11 ? 21  THR A O   1 
ATOM   116 C CB  . THR A 1 21 ? -5.738  5.095  17.843  1.00 30.74 ? 21  THR A CB  1 
ATOM   117 O OG1 . THR A 1 21 ? -6.735  5.743  18.668  1.00 30.04 ? 21  THR A OG1 1 
ATOM   118 C CG2 . THR A 1 21 ? -4.697  6.098  17.296  1.00 29.31 ? 21  THR A CG2 1 
ATOM   119 N N   . ARG A 1 22 ? -4.830  2.589  16.305  1.00 31.83 ? 22  ARG A N   1 
ATOM   120 C CA  . ARG A 1 22 ? -3.875  1.776  15.553  1.00 32.16 ? 22  ARG A CA  1 
ATOM   121 C C   . ARG A 1 22 ? -4.445  1.348  14.245  1.00 31.70 ? 22  ARG A C   1 
ATOM   122 O O   . ARG A 1 22 ? -3.767  1.410  13.238  1.00 31.37 ? 22  ARG A O   1 
ATOM   123 C CB  . ARG A 1 22 ? -3.508  0.509  16.321  1.00 33.13 ? 22  ARG A CB  1 
ATOM   124 C CG  . ARG A 1 22 ? -2.326  0.697  17.193  1.00 36.40 ? 22  ARG A CG  1 
ATOM   125 C CD  . ARG A 1 22 ? -2.184  -0.384 18.232  1.00 37.55 ? 22  ARG A CD  1 
ATOM   126 N NE  . ARG A 1 22 ? -1.592  -1.609 17.699  1.00 38.51 ? 22  ARG A NE  1 
ATOM   127 C CZ  . ARG A 1 22 ? -1.474  -2.723 18.424  1.00 40.15 ? 22  ARG A CZ  1 
ATOM   128 N NH1 . ARG A 1 22 ? -0.911  -3.831 17.918  1.00 39.58 ? 22  ARG A NH1 1 
ATOM   129 N NH2 . ARG A 1 22 ? -1.925  -2.719 19.674  1.00 39.31 ? 22  ARG A NH2 1 
ATOM   130 N N   . LEU A 1 23 ? -5.681  0.866  14.262  1.00 31.98 ? 23  LEU A N   1 
ATOM   131 C CA  . LEU A 1 23 ? -6.297  0.392  13.043  1.00 32.31 ? 23  LEU A CA  1 
ATOM   132 C C   . LEU A 1 23 ? -6.461  1.504  12.018  1.00 32.29 ? 23  LEU A C   1 
ATOM   133 O O   . LEU A 1 23 ? -6.311  1.286  10.810  1.00 32.35 ? 23  LEU A O   1 
ATOM   134 C CB  . LEU A 1 23 ? -7.635  -0.246 13.345  1.00 32.39 ? 23  LEU A CB  1 
ATOM   135 C CG  . LEU A 1 23 ? -8.224  -1.175 12.305  1.00 34.47 ? 23  LEU A CG  1 
ATOM   136 C CD1 . LEU A 1 23 ? -7.245  -2.197 11.845  1.00 35.45 ? 23  LEU A CD1 1 
ATOM   137 C CD2 . LEU A 1 23 ? -9.445  -1.871 12.887  1.00 36.45 ? 23  LEU A CD2 1 
ATOM   138 N N   . SER A 1 24 ? -6.756  2.703  12.496  1.00 32.44 ? 24  SER A N   1 
ATOM   139 C CA  . SER A 1 24 ? -6.916  3.860  11.616  1.00 32.80 ? 24  SER A CA  1 
ATOM   140 C C   . SER A 1 24 ? -5.657  4.225  10.850  1.00 32.27 ? 24  SER A C   1 
ATOM   141 O O   . SER A 1 24 ? -5.697  4.466  9.653   1.00 32.33 ? 24  SER A O   1 
ATOM   142 C CB  . SER A 1 24 ? -7.380  5.060  12.411  1.00 33.00 ? 24  SER A CB  1 
ATOM   143 O OG  . SER A 1 24 ? -8.764  4.956  12.553  1.00 36.87 ? 24  SER A OG  1 
ATOM   144 N N   . PHE A 1 25 ? -4.540  4.274  11.556  1.00 32.31 ? 25  PHE A N   1 
ATOM   145 C CA  . PHE A 1 25 ? -3.235  4.451  10.924  1.00 32.42 ? 25  PHE A CA  1 
ATOM   146 C C   . PHE A 1 25 ? -2.911  3.335  9.927   1.00 32.65 ? 25  PHE A C   1 
ATOM   147 O O   . PHE A 1 25 ? -2.379  3.625  8.864   1.00 31.95 ? 25  PHE A O   1 
ATOM   148 C CB  . PHE A 1 25 ? -2.128  4.515  11.972  1.00 32.69 ? 25  PHE A CB  1 
ATOM   149 C CG  . PHE A 1 25 ? -2.091  5.792  12.724  1.00 33.18 ? 25  PHE A CG  1 
ATOM   150 C CD1 . PHE A 1 25 ? -1.918  7.004  12.049  1.00 35.17 ? 25  PHE A CD1 1 
ATOM   151 C CD2 . PHE A 1 25 ? -2.186  5.795  14.102  1.00 34.23 ? 25  PHE A CD2 1 
ATOM   152 C CE1 . PHE A 1 25 ? -1.883  8.211  12.741  1.00 35.85 ? 25  PHE A CE1 1 
ATOM   153 C CE2 . PHE A 1 25 ? -2.141  6.996  14.806  1.00 36.82 ? 25  PHE A CE2 1 
ATOM   154 C CZ  . PHE A 1 25 ? -1.996  8.206  14.120  1.00 36.26 ? 25  PHE A CZ  1 
ATOM   155 N N   . GLN A 1 26 ? -3.214  2.079  10.275  1.00 32.15 ? 26  GLN A N   1 
ATOM   156 C CA  . GLN A 1 26 ? -3.000  0.968  9.360   1.00 33.02 ? 26  GLN A CA  1 
ATOM   157 C C   . GLN A 1 26 ? -3.760  1.130  8.070   1.00 32.12 ? 26  GLN A C   1 
ATOM   158 O O   . GLN A 1 26 ? -3.218  0.918  7.001   1.00 31.42 ? 26  GLN A O   1 
ATOM   159 C CB  . GLN A 1 26 ? -3.466  -0.331 9.978   1.00 33.89 ? 26  GLN A CB  1 
ATOM   160 C CG  . GLN A 1 26 ? -2.644  -0.758 11.148  1.00 39.56 ? 26  GLN A CG  1 
ATOM   161 C CD  . GLN A 1 26 ? -1.245  -0.917 10.749  1.00 47.37 ? 26  GLN A CD  1 
ATOM   162 O OE1 . GLN A 1 26 ? -0.390  -0.073 11.090  1.00 54.63 ? 26  GLN A OE1 1 
ATOM   163 N NE2 . GLN A 1 26 ? -0.972  -1.970 9.957   1.00 49.98 ? 26  GLN A NE2 1 
ATOM   164 N N   . GLU A 1 27 ? -5.027  1.464  8.198   1.00 32.41 ? 27  GLU A N   1 
ATOM   165 C CA  . GLU A 1 27 ? -5.881  1.684  7.054   1.00 33.95 ? 27  GLU A CA  1 
ATOM   166 C C   . GLU A 1 27 ? -5.323  2.730  6.139   1.00 33.48 ? 27  GLU A C   1 
ATOM   167 O O   . GLU A 1 27 ? -5.249  2.517  4.935   1.00 33.33 ? 27  GLU A O   1 
ATOM   168 C CB  . GLU A 1 27 ? -7.283  2.058  7.497   1.00 34.27 ? 27  GLU A CB  1 
ATOM   169 C CG  . GLU A 1 27 ? -7.981  0.822  8.048   1.00 39.59 ? 27  GLU A CG  1 
ATOM   170 C CD  . GLU A 1 27 ? -9.406  1.061  8.476   1.00 44.69 ? 27  GLU A CD  1 
ATOM   171 O OE1 . GLU A 1 27 ? -9.585  1.861  9.419   1.00 48.02 ? 27  GLU A OE1 1 
ATOM   172 O OE2 . GLU A 1 27 ? -10.321 0.439  7.876   1.00 47.85 ? 27  GLU A OE2 1 
ATOM   173 N N   . GLN A 1 28 ? -4.914  3.850  6.714   1.00 33.84 ? 28  GLN A N   1 
ATOM   174 C CA  . GLN A 1 28 ? -4.308  4.936  5.941   1.00 34.25 ? 28  GLN A CA  1 
ATOM   175 C C   . GLN A 1 28 ? -3.020  4.486  5.242   1.00 33.31 ? 28  GLN A C   1 
ATOM   176 O O   . GLN A 1 28 ? -2.824  4.750  4.057   1.00 32.67 ? 28  GLN A O   1 
ATOM   177 C CB  . GLN A 1 28 ? -4.043  6.157  6.850   1.00 35.95 ? 28  GLN A CB  1 
ATOM   178 C CG  . GLN A 1 28 ? -5.302  6.862  7.409   1.00 40.52 ? 28  GLN A CG  1 
ATOM   179 C CD  . GLN A 1 28 ? -4.995  7.900  8.537   1.00 45.74 ? 28  GLN A CD  1 
ATOM   180 O OE1 . GLN A 1 28 ? -4.011  8.662  8.458   1.00 49.68 ? 28  GLN A OE1 1 
ATOM   181 N NE2 . GLN A 1 28 ? -5.840  7.922  9.573   1.00 46.76 ? 28  GLN A NE2 1 
ATOM   182 N N   . ALA A 1 29 ? -2.152  3.797  5.981   1.00 32.82 ? 29  ALA A N   1 
ATOM   183 C CA  . ALA A 1 29 ? -0.912  3.249  5.443   1.00 32.39 ? 29  ALA A CA  1 
ATOM   184 C C   . ALA A 1 29 ? -1.214  2.324  4.302   1.00 32.49 ? 29  ALA A C   1 
ATOM   185 O O   . ALA A 1 29 ? -0.561  2.371  3.285   1.00 32.40 ? 29  ALA A O   1 
ATOM   186 C CB  . ALA A 1 29 ? -0.122  2.494  6.526   1.00 31.65 ? 29  ALA A CB  1 
ATOM   187 N N   . LEU A 1 30 ? -2.182  1.450  4.471   1.00 32.48 ? 30  LEU A N   1 
ATOM   188 C CA  . LEU A 1 30 ? -2.486  0.508  3.425   1.00 33.27 ? 30  LEU A CA  1 
ATOM   189 C C   . LEU A 1 30 ? -2.879  1.210  2.132   1.00 33.03 ? 30  LEU A C   1 
ATOM   190 O O   . LEU A 1 30 ? -2.409  0.852  1.054   1.00 32.44 ? 30  LEU A O   1 
ATOM   191 C CB  . LEU A 1 30 ? -3.615  -0.411 3.842   1.00 34.46 ? 30  LEU A CB  1 
ATOM   192 C CG  . LEU A 1 30 ? -3.210  -1.860 4.011   1.00 37.85 ? 30  LEU A CG  1 
ATOM   193 C CD1 . LEU A 1 30 ? -4.289  -2.570 4.705   1.00 42.49 ? 30  LEU A CD1 1 
ATOM   194 C CD2 . LEU A 1 30 ? -3.045  -2.488 2.703   1.00 41.96 ? 30  LEU A CD2 1 
ATOM   195 N N   . THR A 1 31 ? -3.775  2.172  2.244   1.00 32.37 ? 31  THR A N   1 
ATOM   196 C CA  . THR A 1 31 ? -4.238  2.932  1.094   1.00 32.70 ? 31  THR A CA  1 
ATOM   197 C C   . THR A 1 31 ? -3.095  3.579  0.338   1.00 32.40 ? 31  THR A C   1 
ATOM   198 O O   . THR A 1 31 ? -3.050  3.523  -0.863  1.00 31.49 ? 31  THR A O   1 
ATOM   199 C CB  . THR A 1 31 ? -5.234  3.994  1.521   1.00 32.82 ? 31  THR A CB  1 
ATOM   200 O OG1 . THR A 1 31 ? -6.338  3.342  2.148   1.00 34.49 ? 31  THR A OG1 1 
ATOM   201 C CG2 . THR A 1 31 ? -5.735  4.817  0.320   1.00 32.96 ? 31  THR A CG2 1 
ATOM   202 N N   . GLU A 1 32 ? -2.168  4.180  1.062   1.00 32.60 ? 32  GLU A N   1 
ATOM   203 C CA  . GLU A 1 32 ? -1.002  4.785  0.471   1.00 32.87 ? 32  GLU A CA  1 
ATOM   204 C C   . GLU A 1 32 ? -0.106  3.736  -0.192  1.00 31.91 ? 32  GLU A C   1 
ATOM   205 O O   . GLU A 1 32 ? 0.430   3.975  -1.259  1.00 30.66 ? 32  GLU A O   1 
ATOM   206 C CB  . GLU A 1 32 ? -0.224  5.562  1.538   1.00 33.88 ? 32  GLU A CB  1 
ATOM   207 C CG  . GLU A 1 32 ? -0.995  6.800  2.081   1.00 39.28 ? 32  GLU A CG  1 
ATOM   208 C CD  . GLU A 1 32 ? -0.493  7.322  3.465   1.00 46.61 ? 32  GLU A CD  1 
ATOM   209 O OE1 . GLU A 1 32 ? 0.590   6.894  3.961   1.00 50.62 ? 32  GLU A OE1 1 
ATOM   210 O OE2 . GLU A 1 32 ? -1.207  8.171  4.057   1.00 51.73 ? 32  GLU A OE2 1 
ATOM   211 N N   . LEU A 1 33 ? 0.041   2.565  0.414   1.00 31.80 ? 33  LEU A N   1 
ATOM   212 C CA  . LEU A 1 33 ? 0.884   1.514  -0.163  1.00 31.67 ? 33  LEU A CA  1 
ATOM   213 C C   . LEU A 1 33 ? 0.238   0.928  -1.392  1.00 31.37 ? 33  LEU A C   1 
ATOM   214 O O   . LEU A 1 33 ? 0.902   0.648  -2.371  1.00 31.01 ? 33  LEU A O   1 
ATOM   215 C CB  . LEU A 1 33 ? 1.186   0.420  0.838   1.00 31.89 ? 33  LEU A CB  1 
ATOM   216 C CG  . LEU A 1 33 ? 2.090   0.832  2.016   1.00 35.15 ? 33  LEU A CG  1 
ATOM   217 C CD1 . LEU A 1 33 ? 2.275   -0.319 2.970   1.00 36.21 ? 33  LEU A CD1 1 
ATOM   218 C CD2 . LEU A 1 33 ? 3.452   1.377  1.553   1.00 38.96 ? 33  LEU A CD2 1 
ATOM   219 N N   . SER A 1 34 ? -1.071  0.761  -1.379  1.00 32.47 ? 34  SER A N   1 
ATOM   220 C CA  . SER A 1 34 ? -1.772  0.322  -2.595  1.00 33.16 ? 34  SER A CA  1 
ATOM   221 C C   . SER A 1 34 ? -1.594  1.278  -3.778  1.00 32.38 ? 34  SER A C   1 
ATOM   222 O O   . SER A 1 34 ? -1.332  0.818  -4.870  1.00 31.95 ? 34  SER A O   1 
ATOM   223 C CB  . SER A 1 34 ? -3.259  0.130  -2.328  1.00 33.57 ? 34  SER A CB  1 
ATOM   224 O OG  . SER A 1 34 ? -3.423  -0.717 -1.195  1.00 39.37 ? 34  SER A OG  1 
ATOM   225 N N   . GLU A 1 35 ? -1.754  2.589  -3.549  1.00 32.30 ? 35  GLU A N   1 
ATOM   226 C CA  . GLU A 1 35 ? -1.568  3.623  -4.588  1.00 32.64 ? 35  GLU A CA  1 
ATOM   227 C C   . GLU A 1 35 ? -0.178  3.574  -5.197  1.00 31.03 ? 35  GLU A C   1 
ATOM   228 O O   . GLU A 1 35 ? -0.015  3.644  -6.409  1.00 30.49 ? 35  GLU A O   1 
ATOM   229 C CB  . GLU A 1 35 ? -1.783  5.043  -3.986  1.00 33.78 ? 35  GLU A CB  1 
ATOM   230 C CG  . GLU A 1 35 ? -0.961  6.278  -4.697  1.00 40.74 ? 35  GLU A CG  1 
ATOM   231 C CD  . GLU A 1 35 ? 0.497   6.618  -4.112  1.00 46.62 ? 35  GLU A CD  1 
ATOM   232 O OE1 . GLU A 1 35 ? 0.665   6.718  -2.838  1.00 50.25 ? 35  GLU A OE1 1 
ATOM   233 O OE2 . GLU A 1 35 ? 1.456   6.806  -4.940  1.00 47.50 ? 35  GLU A OE2 1 
ATOM   234 N N   . ALA A 1 36 ? 0.825   3.507  -4.323  1.00 29.73 ? 36  ALA A N   1 
ATOM   235 C CA  . ALA A 1 36 ? 2.205   3.529  -4.717  1.00 28.56 ? 36  ALA A CA  1 
ATOM   236 C C   . ALA A 1 36 ? 2.560   2.250  -5.493  1.00 28.07 ? 36  ALA A C   1 
ATOM   237 O O   . ALA A 1 36 ? 3.332   2.289  -6.454  1.00 27.01 ? 36  ALA A O   1 
ATOM   238 C CB  . ALA A 1 36 ? 3.099   3.721  -3.479  1.00 28.70 ? 36  ALA A CB  1 
ATOM   239 N N   . LEU A 1 37 ? 2.008   1.120  -5.072  1.00 27.80 ? 37  LEU A N   1 
ATOM   240 C CA  . LEU A 1 37 ? 2.219   -0.132 -5.767  1.00 28.34 ? 37  LEU A CA  1 
ATOM   241 C C   . LEU A 1 37 ? 1.525   -0.154 -7.146  1.00 28.12 ? 37  LEU A C   1 
ATOM   242 O O   . LEU A 1 37 ? 2.125   -0.558 -8.138  1.00 27.93 ? 37  LEU A O   1 
ATOM   243 C CB  . LEU A 1 37 ? 1.763   -1.310 -4.904  1.00 28.11 ? 37  LEU A CB  1 
ATOM   244 C CG  . LEU A 1 37 ? 1.835   -2.706 -5.509  1.00 29.10 ? 37  LEU A CG  1 
ATOM   245 C CD1 . LEU A 1 37 ? 3.256   -3.034 -5.933  1.00 29.05 ? 37  LEU A CD1 1 
ATOM   246 C CD2 . LEU A 1 37 ? 1.297   -3.710 -4.487  1.00 31.04 ? 37  LEU A CD2 1 
ATOM   247 N N   . ALA A 1 38 ? 0.284   0.294  -7.214  1.00 28.92 ? 38  ALA A N   1 
ATOM   248 C CA  . ALA A 1 38 ? -0.368  0.405  -8.502  1.00 29.55 ? 38  ALA A CA  1 
ATOM   249 C C   . ALA A 1 38 ? 0.516   1.183  -9.491  1.00 30.81 ? 38  ALA A C   1 
ATOM   250 O O   . ALA A 1 38 ? 0.670   0.774  -10.646 1.00 30.47 ? 38  ALA A O   1 
ATOM   251 C CB  . ALA A 1 38 ? -1.705  1.043  -8.365  1.00 29.99 ? 38  ALA A CB  1 
ATOM   252 N N   . ASP A 1 39 ? 1.115   2.283  -9.041  1.00 30.98 ? 39  ASP A N   1 
ATOM   253 C CA  . ASP A 1 39 ? 1.973   3.083  -9.895  1.00 31.94 ? 39  ASP A CA  1 
ATOM   254 C C   . ASP A 1 39 ? 3.249   2.350  -10.256 1.00 31.31 ? 39  ASP A C   1 
ATOM   255 O O   . ASP A 1 39 ? 3.717   2.410  -11.390 1.00 30.58 ? 39  ASP A O   1 
ATOM   256 C CB  . ASP A 1 39 ? 2.307   4.406  -9.213  1.00 33.31 ? 39  ASP A CB  1 
ATOM   257 C CG  . ASP A 1 39 ? 3.444   5.134  -9.893  1.00 38.45 ? 39  ASP A CG  1 
ATOM   258 O OD1 . ASP A 1 39 ? 3.201   5.772  -10.955 1.00 47.12 ? 39  ASP A OD1 1 
ATOM   259 O OD2 . ASP A 1 39 ? 4.593   5.066  -9.384  1.00 47.01 ? 39  ASP A OD2 1 
ATOM   260 N N   . ALA A 1 40 ? 3.822   1.659  -9.281  1.00 30.91 ? 40  ALA A N   1 
ATOM   261 C CA  . ALA A 1 40 ? 5.049   0.917  -9.522  1.00 30.64 ? 40  ALA A CA  1 
ATOM   262 C C   . ALA A 1 40 ? 4.778   -0.170 -10.529 1.00 30.70 ? 40  ALA A C   1 
ATOM   263 O O   . ALA A 1 40 ? 5.580   -0.364 -11.432 1.00 31.04 ? 40  ALA A O   1 
ATOM   264 C CB  . ALA A 1 40 ? 5.635   0.318  -8.231  1.00 30.05 ? 40  ALA A CB  1 
ATOM   265 N N   . ARG A 1 41 ? 3.673   -0.874 -10.382 1.00 30.20 ? 41  ARG A N   1 
ATOM   266 C CA  A ARG A 1 41 ? 3.397   -1.953 -11.300 0.50 30.90 ? 41  ARG A CA  1 
ATOM   267 C CA  B ARG A 1 41 ? 3.298   -1.943 -11.306 0.50 31.10 ? 41  ARG A CA  1 
ATOM   268 C C   . ARG A 1 41 ? 3.266   -1.472 -12.751 1.00 31.10 ? 41  ARG A C   1 
ATOM   269 O O   . ARG A 1 41 ? 3.687   -2.172 -13.659 1.00 30.89 ? 41  ARG A O   1 
ATOM   270 C CB  A ARG A 1 41 ? 2.177   -2.753 -10.844 0.50 31.06 ? 41  ARG A CB  1 
ATOM   271 C CB  B ARG A 1 41 ? 1.893   -2.465 -10.996 0.50 31.43 ? 41  ARG A CB  1 
ATOM   272 C CG  A ARG A 1 41 ? 2.486   -3.612 -9.609  0.50 31.98 ? 41  ARG A CG  1 
ATOM   273 C CG  B ARG A 1 41 ? 1.743   -3.272 -9.726  0.50 33.17 ? 41  ARG A CG  1 
ATOM   274 C CD  A ARG A 1 41 ? 1.289   -4.404 -9.111  0.50 32.74 ? 41  ARG A CD  1 
ATOM   275 C CD  B ARG A 1 41 ? 0.268   -3.568 -9.465  0.50 34.85 ? 41  ARG A CD  1 
ATOM   276 N NE  A ARG A 1 41 ? 0.799   -5.366 -10.091 0.50 33.22 ? 41  ARG A NE  1 
ATOM   277 N NE  B ARG A 1 41 ? -0.253  -4.574 -10.390 0.50 35.37 ? 41  ARG A NE  1 
ATOM   278 C CZ  A ARG A 1 41 ? 1.229   -6.617 -10.185 0.50 32.99 ? 41  ARG A CZ  1 
ATOM   279 C CZ  B ARG A 1 41 ? -1.351  -5.288 -10.170 0.50 35.20 ? 41  ARG A CZ  1 
ATOM   280 N NH1 A ARG A 1 41 ? 0.728   -7.435 -11.106 0.50 35.10 ? 41  ARG A NH1 1 
ATOM   281 N NH1 B ARG A 1 41 ? -1.747  -6.180 -11.054 0.50 36.37 ? 41  ARG A NH1 1 
ATOM   282 N NH2 A ARG A 1 41 ? 2.159   -7.046 -9.364  0.50 31.59 ? 41  ARG A NH2 1 
ATOM   283 N NH2 B ARG A 1 41 ? -2.055  -5.105 -9.066  0.50 34.86 ? 41  ARG A NH2 1 
ATOM   284 N N   . LEU A 1 42 ? 2.698   -0.288 -12.952 1.00 30.57 ? 42  LEU A N   1 
ATOM   285 C CA  . LEU A 1 42 ? 2.523   0.282  -14.277 1.00 30.08 ? 42  LEU A CA  1 
ATOM   286 C C   . LEU A 1 42 ? 3.849   0.659  -14.895 1.00 29.87 ? 42  LEU A C   1 
ATOM   287 O O   . LEU A 1 42 ? 4.084   0.448  -16.086 1.00 28.88 ? 42  LEU A O   1 
ATOM   288 C CB  . LEU A 1 42 ? 1.632   1.526  -14.218 1.00 30.59 ? 42  LEU A CB  1 
ATOM   289 C CG  . LEU A 1 42 ? 0.145   1.391  -13.906 1.00 32.10 ? 42  LEU A CG  1 
ATOM   290 C CD1 . LEU A 1 42 ? -0.511  2.789  -13.834 1.00 35.23 ? 42  LEU A CD1 1 
ATOM   291 C CD2 . LEU A 1 42 ? -0.573  0.528  -14.918 1.00 32.45 ? 42  LEU A CD2 1 
ATOM   292 N N   . THR A 1 43 ? 4.725   1.226  -14.074 1.00 29.13 ? 43  THR A N   1 
ATOM   293 C CA  . THR A 1 43 ? 6.077   1.471  -14.491 1.00 28.83 ? 43  THR A CA  1 
ATOM   294 C C   . THR A 1 43 ? 6.783   0.158  -14.853 1.00 28.79 ? 43  THR A C   1 
ATOM   295 O O   . THR A 1 43 ? 7.449   0.090  -15.854 1.00 29.67 ? 43  THR A O   1 
ATOM   296 C CB  . THR A 1 43 ? 6.848   2.177  -13.396 1.00 28.70 ? 43  THR A CB  1 
ATOM   297 O OG1 . THR A 1 43 ? 6.311   3.482  -13.277 1.00 30.95 ? 43  THR A OG1 1 
ATOM   298 C CG2 . THR A 1 43 ? 8.332   2.241  -13.727 1.00 26.24 ? 43  THR A CG2 1 
ATOM   299 N N   . GLY A 1 44 ? 6.621   -0.886 -14.060 1.00 28.41 ? 44  GLY A N   1 
ATOM   300 C CA  . GLY A 1 44 ? 7.195   -2.192 -14.410 1.00 28.41 ? 44  GLY A CA  1 
ATOM   301 C C   . GLY A 1 44 ? 6.732   -2.717 -15.772 1.00 27.42 ? 44  GLY A C   1 
ATOM   302 O O   . GLY A 1 44 ? 7.529   -3.251 -16.542 1.00 27.14 ? 44  GLY A O   1 
ATOM   303 N N   . ALA A 1 45 ? 5.420   -2.617 -16.003 1.00 27.05 ? 45  ALA A N   1 
ATOM   304 C CA  . ALA A 1 45 ? 4.738   -3.053 -17.227 1.00 26.50 ? 45  ALA A CA  1 
ATOM   305 C C   . ALA A 1 45 ? 5.251   -2.270 -18.433 1.00 26.93 ? 45  ALA A C   1 
ATOM   306 O O   . ALA A 1 45 ? 5.623   -2.849 -19.456 1.00 27.30 ? 45  ALA A O   1 
ATOM   307 C CB  . ALA A 1 45 ? 3.251   -2.875 -17.070 1.00 25.89 ? 45  ALA A CB  1 
ATOM   308 N N   . ARG A 1 46 ? 5.320   -0.949 -18.300 1.00 26.92 ? 46  ARG A N   1 
ATOM   309 C CA  . ARG A 1 46 ? 5.903   -0.089 -19.321 1.00 26.80 ? 46  ARG A CA  1 
ATOM   310 C C   . ARG A 1 46 ? 7.361   -0.439 -19.664 1.00 26.14 ? 46  ARG A C   1 
ATOM   311 O O   . ARG A 1 46 ? 7.728   -0.559 -20.847 1.00 25.09 ? 46  ARG A O   1 
ATOM   312 C CB  . ARG A 1 46 ? 5.881   1.370  -18.850 1.00 27.50 ? 46  ARG A CB  1 
ATOM   313 C CG  . ARG A 1 46 ? 6.493   2.296  -19.871 1.00 31.86 ? 46  ARG A CG  1 
ATOM   314 C CD  . ARG A 1 46 ? 6.089   3.711  -19.691 1.00 37.34 ? 46  ARG A CD  1 
ATOM   315 N NE  . ARG A 1 46 ? 6.381   4.440  -20.926 1.00 44.05 ? 46  ARG A NE  1 
ATOM   316 C CZ  . ARG A 1 46 ? 7.325   5.373  -21.094 1.00 48.31 ? 46  ARG A CZ  1 
ATOM   317 N NH1 . ARG A 1 46 ? 7.461   5.944  -22.292 1.00 48.67 ? 46  ARG A NH1 1 
ATOM   318 N NH2 . ARG A 1 46 ? 8.129   5.754  -20.094 1.00 50.85 ? 46  ARG A NH2 1 
ATOM   319 N N   . ASN A 1 47 ? 8.181   -0.543 -18.616 1.00 25.32 ? 47  ASN A N   1 
ATOM   320 C CA  . ASN A 1 47 ? 9.590   -0.901 -18.737 1.00 24.52 ? 47  ASN A CA  1 
ATOM   321 C C   . ASN A 1 47 ? 9.801   -2.221 -19.465 1.00 24.31 ? 47  ASN A C   1 
ATOM   322 O O   . ASN A 1 47 ? 10.665  -2.340 -20.354 1.00 24.61 ? 47  ASN A O   1 
ATOM   323 C CB  . ASN A 1 47 ? 10.240  -0.947 -17.352 1.00 23.97 ? 47  ASN A CB  1 
ATOM   324 C CG  . ASN A 1 47 ? 10.469  0.436  -16.770 1.00 24.53 ? 47  ASN A CG  1 
ATOM   325 O OD1 . ASN A 1 47 ? 10.263  1.457  -17.455 1.00 25.48 ? 47  ASN A OD1 1 
ATOM   326 N ND2 . ASN A 1 47 ? 10.936  0.490  -15.520 1.00 23.00 ? 47  ASN A ND2 1 
ATOM   327 N N   . ALA A 1 48 ? 9.007   -3.213 -19.085 1.00 25.09 ? 48  ALA A N   1 
ATOM   328 C CA  . ALA A 1 48 ? 9.040   -4.550 -19.714 1.00 25.05 ? 48  ALA A CA  1 
ATOM   329 C C   . ALA A 1 48 ? 8.776   -4.444 -21.201 1.00 25.47 ? 48  ALA A C   1 
ATOM   330 O O   . ALA A 1 48 ? 9.480   -5.026 -22.017 1.00 25.07 ? 48  ALA A O   1 
ATOM   331 C CB  . ALA A 1 48 ? 8.016   -5.472 -19.062 1.00 24.97 ? 48  ALA A CB  1 
ATOM   332 N N   . GLU A 1 49 ? 7.766   -3.658 -21.558 1.00 26.52 ? 49  GLU A N   1 
ATOM   333 C CA  . GLU A 1 49 ? 7.409   -3.472 -22.960 1.00 27.97 ? 49  GLU A CA  1 
ATOM   334 C C   . GLU A 1 49 ? 8.479   -2.681 -23.742 1.00 28.01 ? 49  GLU A C   1 
ATOM   335 O O   . GLU A 1 49 ? 8.806   -3.026 -24.878 1.00 29.11 ? 49  GLU A O   1 
ATOM   336 C CB  . GLU A 1 49 ? 6.011   -2.834 -23.076 1.00 27.83 ? 49  GLU A CB  1 
ATOM   337 C CG  . GLU A 1 49 ? 5.316   -3.065 -24.379 1.00 29.33 ? 49  GLU A CG  1 
ATOM   338 C CD  . GLU A 1 49 ? 5.346   -4.534 -24.843 1.00 30.51 ? 49  GLU A CD  1 
ATOM   339 O OE1 . GLU A 1 49 ? 4.878   -5.415 -24.091 1.00 29.74 ? 49  GLU A OE1 1 
ATOM   340 O OE2 . GLU A 1 49 ? 5.834   -4.788 -25.968 1.00 32.52 ? 49  GLU A OE2 1 
ATOM   341 N N   . LEU A 1 50 ? 9.043   -1.640 -23.136 1.00 28.34 ? 50  LEU A N   1 
ATOM   342 C CA  . LEU A 1 50 ? 10.148  -0.893 -23.762 1.00 27.81 ? 50  LEU A CA  1 
ATOM   343 C C   . LEU A 1 50 ? 11.335  -1.820 -24.030 1.00 28.27 ? 50  LEU A C   1 
ATOM   344 O O   . LEU A 1 50 ? 11.924  -1.808 -25.129 1.00 27.12 ? 50  LEU A O   1 
ATOM   345 C CB  . LEU A 1 50 ? 10.597  0.282  -22.874 1.00 27.64 ? 50  LEU A CB  1 
ATOM   346 C CG  . LEU A 1 50 ? 9.599   1.443  -22.712 1.00 28.19 ? 50  LEU A CG  1 
ATOM   347 C CD1 . LEU A 1 50 ? 10.148  2.469  -21.693 1.00 28.10 ? 50  LEU A CD1 1 
ATOM   348 C CD2 . LEU A 1 50 ? 9.251   2.100  -24.047 1.00 25.18 ? 50  LEU A CD2 1 
ATOM   349 N N   . ILE A 1 51 ? 11.663  -2.624 -23.030 1.00 28.69 ? 51  ILE A N   1 
ATOM   350 C CA  . ILE A 1 51 ? 12.745  -3.554 -23.133 1.00 30.24 ? 51  ILE A CA  1 
ATOM   351 C C   . ILE A 1 51 ? 12.482  -4.587 -24.237 1.00 32.37 ? 51  ILE A C   1 
ATOM   352 O O   . ILE A 1 51 ? 13.366  -4.836 -25.048 1.00 31.94 ? 51  ILE A O   1 
ATOM   353 C CB  . ILE A 1 51 ? 12.985  -4.290 -21.794 1.00 30.34 ? 51  ILE A CB  1 
ATOM   354 C CG1 . ILE A 1 51 ? 13.517  -3.332 -20.732 1.00 29.64 ? 51  ILE A CG1 1 
ATOM   355 C CG2 . ILE A 1 51 ? 13.970  -5.413 -21.982 1.00 30.24 ? 51  ILE A CG2 1 
ATOM   356 C CD1 . ILE A 1 51 ? 13.298  -3.848 -19.337 1.00 26.70 ? 51  ILE A CD1 1 
ATOM   357 N N   . ARG A 1 52 ? 11.290  -5.188 -24.269 1.00 34.66 ? 52  ARG A N   1 
ATOM   358 C CA  . ARG A 1 52 ? 10.957  -6.173 -25.326 1.00 36.68 ? 52  ARG A CA  1 
ATOM   359 C C   . ARG A 1 52 ? 11.236  -5.588 -26.680 1.00 37.88 ? 52  ARG A C   1 
ATOM   360 O O   . ARG A 1 52 ? 11.814  -6.229 -27.543 1.00 37.75 ? 52  ARG A O   1 
ATOM   361 C CB  . ARG A 1 52 ? 9.501   -6.630 -25.264 1.00 37.06 ? 52  ARG A CB  1 
ATOM   362 C CG  . ARG A 1 52 ? 9.237   -7.544 -24.094 1.00 39.29 ? 52  ARG A CG  1 
ATOM   363 C CD  . ARG A 1 52 ? 7.852   -8.228 -24.163 1.00 43.11 ? 52  ARG A CD  1 
ATOM   364 N NE  . ARG A 1 52 ? 6.796   -7.434 -23.521 1.00 46.36 ? 52  ARG A NE  1 
ATOM   365 C CZ  . ARG A 1 52 ? 6.277   -7.622 -22.292 1.00 46.06 ? 52  ARG A CZ  1 
ATOM   366 N NH1 . ARG A 1 52 ? 6.663   -8.631 -21.489 1.00 45.57 ? 52  ARG A NH1 1 
ATOM   367 N NH2 . ARG A 1 52 ? 5.335   -6.775 -21.864 1.00 44.19 ? 52  ARG A NH2 1 
ATOM   368 N N   . HIS A 1 53 ? 10.872  -4.339 -26.863 1.00 39.48 ? 53  HIS A N   1 
ATOM   369 C CA  . HIS A 1 53 ? 11.180  -3.720 -28.116 1.00 41.21 ? 53  HIS A CA  1 
ATOM   370 C C   . HIS A 1 53 ? 12.677  -3.587 -28.394 1.00 41.28 ? 53  HIS A C   1 
ATOM   371 O O   . HIS A 1 53 ? 13.106  -3.915 -29.502 1.00 41.17 ? 53  HIS A O   1 
ATOM   372 C CB  . HIS A 1 53 ? 10.595  -2.340 -28.247 1.00 41.58 ? 53  HIS A CB  1 
ATOM   373 C CG  . HIS A 1 53 ? 11.067  -1.681 -29.484 1.00 45.16 ? 53  HIS A CG  1 
ATOM   374 N ND1 . HIS A 1 53 ? 12.002  -0.669 -29.477 1.00 49.56 ? 53  HIS A ND1 1 
ATOM   375 C CD2 . HIS A 1 53 ? 10.850  -1.996 -30.782 1.00 48.33 ? 53  HIS A CD2 1 
ATOM   376 C CE1 . HIS A 1 53 ? 12.278  -0.332 -30.725 1.00 51.01 ? 53  HIS A CE1 1 
ATOM   377 N NE2 . HIS A 1 53 ? 11.593  -1.123 -31.535 1.00 50.68 ? 53  HIS A NE2 1 
ATOM   378 N N   . LEU A 1 54 ? 13.445  -3.075 -27.420 1.00 41.20 ? 54  LEU A N   1 
ATOM   379 C CA  . LEU A 1 54 ? 14.870  -2.808 -27.612 1.00 41.23 ? 54  LEU A CA  1 
ATOM   380 C C   . LEU A 1 54 ? 15.527  -4.108 -27.984 1.00 41.96 ? 54  LEU A C   1 
ATOM   381 O O   . LEU A 1 54 ? 16.421  -4.141 -28.830 1.00 40.78 ? 54  LEU A O   1 
ATOM   382 C CB  . LEU A 1 54 ? 15.552  -2.251 -26.349 1.00 41.50 ? 54  LEU A CB  1 
ATOM   383 C CG  . LEU A 1 54 ? 15.115  -0.879 -25.806 1.00 41.60 ? 54  LEU A CG  1 
ATOM   384 C CD1 . LEU A 1 54 ? 15.786  -0.539 -24.454 1.00 41.47 ? 54  LEU A CD1 1 
ATOM   385 C CD2 . LEU A 1 54 ? 15.331  0.227  -26.847 1.00 43.74 ? 54  LEU A CD2 1 
ATOM   386 N N   . LEU A 1 55 ? 15.065  -5.177 -27.339 1.00 43.14 ? 55  LEU A N   1 
ATOM   387 C CA  . LEU A 1 55 ? 15.607  -6.499 -27.571 1.00 44.57 ? 55  LEU A CA  1 
ATOM   388 C C   . LEU A 1 55 ? 15.416  -6.852 -29.025 1.00 46.58 ? 55  LEU A C   1 
ATOM   389 O O   . LEU A 1 55 ? 16.326  -7.378 -29.653 1.00 46.60 ? 55  LEU A O   1 
ATOM   390 C CB  . LEU A 1 55 ? 14.956  -7.544 -26.660 1.00 44.09 ? 55  LEU A CB  1 
ATOM   391 C CG  . LEU A 1 55 ? 15.478  -7.558 -25.218 1.00 43.13 ? 55  LEU A CG  1 
ATOM   392 C CD1 . LEU A 1 55 ? 14.628  -8.477 -24.317 1.00 40.58 ? 55  LEU A CD1 1 
ATOM   393 C CD2 . LEU A 1 55 ? 16.980  -7.922 -25.177 1.00 42.81 ? 55  LEU A CD2 1 
ATOM   394 N N   . GLU A 1 56 ? 14.253  -6.517 -29.565 1.00 49.35 ? 56  GLU A N   1 
ATOM   395 C CA  . GLU A 1 56 ? 13.936  -6.820 -30.958 1.00 51.74 ? 56  GLU A CA  1 
ATOM   396 C C   . GLU A 1 56 ? 14.737  -5.986 -31.956 1.00 53.30 ? 56  GLU A C   1 
ATOM   397 O O   . GLU A 1 56 ? 15.275  -6.524 -32.929 1.00 54.25 ? 56  GLU A O   1 
ATOM   398 C CB  . GLU A 1 56 ? 12.451  -6.637 -31.189 1.00 52.20 ? 56  GLU A CB  1 
ATOM   399 C CG  . GLU A 1 56 ? 11.647  -7.507 -30.281 1.00 54.98 ? 56  GLU A CG  1 
ATOM   400 C CD  . GLU A 1 56 ? 10.213  -7.662 -30.708 1.00 59.54 ? 56  GLU A CD  1 
ATOM   401 O OE1 . GLU A 1 56 ? 9.671   -6.743 -31.391 1.00 62.38 ? 56  GLU A OE1 1 
ATOM   402 O OE2 . GLU A 1 56 ? 9.634   -8.714 -30.334 1.00 61.06 ? 56  GLU A OE2 1 
ATOM   403 N N   . ASP A 1 57 ? 14.837  -4.681 -31.713 1.00 54.94 ? 57  ASP A N   1 
ATOM   404 C CA  . ASP A 1 57 ? 15.589  -3.792 -32.603 1.00 56.31 ? 57  ASP A CA  1 
ATOM   405 C C   . ASP A 1 57 ? 17.080  -4.057 -32.583 1.00 57.11 ? 57  ASP A C   1 
ATOM   406 O O   . ASP A 1 57 ? 17.836  -3.365 -33.274 1.00 57.82 ? 57  ASP A O   1 
ATOM   407 C CB  . ASP A 1 57 ? 15.289  -2.313 -32.310 1.00 56.52 ? 57  ASP A CB  1 
ATOM   408 C CG  . ASP A 1 57 ? 14.067  -1.813 -33.082 1.00 58.07 ? 57  ASP A CG  1 
ATOM   409 O OD1 . ASP A 1 57 ? 13.115  -2.615 -33.265 1.00 59.57 ? 57  ASP A OD1 1 
ATOM   410 O OD2 . ASP A 1 57 ? 14.057  -0.634 -33.518 1.00 59.82 ? 57  ASP A OD2 1 
ATOM   411 N N   . LEU A 1 58 ? 17.482  -5.072 -31.805 1.00 57.82 ? 58  LEU A N   1 
ATOM   412 C CA  . LEU A 1 58 ? 18.847  -5.598 -31.758 1.00 57.81 ? 58  LEU A CA  1 
ATOM   413 C C   . LEU A 1 58 ? 18.880  -7.111 -32.063 1.00 57.97 ? 58  LEU A C   1 
ATOM   414 O O   . LEU A 1 58 ? 18.059  -7.648 -32.818 1.00 58.14 ? 58  LEU A O   1 
ATOM   415 C CB  . LEU A 1 58 ? 19.450  -5.353 -30.365 1.00 57.81 ? 58  LEU A CB  1 
ATOM   416 C CG  . LEU A 1 58 ? 19.680  -3.922 -29.846 1.00 57.63 ? 58  LEU A CG  1 
ATOM   417 C CD1 . LEU A 1 58 ? 19.588  -3.882 -28.327 1.00 58.43 ? 58  LEU A CD1 1 
ATOM   418 C CD2 . LEU A 1 58 ? 21.027  -3.362 -30.295 1.00 57.91 ? 58  LEU A CD2 1 
HETATM 419 C C1  . EDO B 2 .  ? -6.014  8.909  12.777  1.00 69.65 ? 79  EDO A C1  1 
HETATM 420 O O1  . EDO B 2 .  ? -4.917  8.654  11.881  1.00 68.90 ? 79  EDO A O1  1 
HETATM 421 C C2  . EDO B 2 .  ? -6.014  7.927  13.956  1.00 69.59 ? 79  EDO A C2  1 
HETATM 422 O O2  . EDO B 2 .  ? -7.327  7.746  14.522  1.00 69.29 ? 79  EDO A O2  1 
HETATM 423 O O   . HOH C 3 .  ? 6.666   -7.182 -26.949 1.00 63.27 ? 80  HOH A O   1 
HETATM 424 O O   . HOH C 3 .  ? 10.994  -2.166 -13.796 0.33 10.73 ? 81  HOH A O   1 
HETATM 425 O O   . HOH C 3 .  ? -3.240  -1.111 21.331  1.00 54.19 ? 82  HOH A O   1 
HETATM 426 O O   . HOH C 3 .  ? 9.368   3.694  -18.400 1.00 37.30 ? 83  HOH A O   1 
HETATM 427 O O   . HOH C 3 .  ? -0.915  6.063  8.797   1.00 39.44 ? 84  HOH A O   1 
HETATM 428 O O   . HOH C 3 .  ? 8.385   0.140  -10.663 1.00 34.34 ? 85  HOH A O   1 
HETATM 429 O O   . HOH C 3 .  ? -3.785  8.390  4.337   1.00 78.26 ? 86  HOH A O   1 
HETATM 430 O O   . HOH C 3 .  ? 7.865   -3.097 -29.849 1.00 48.74 ? 87  HOH A O   1 
HETATM 431 O O   . HOH C 3 .  ? -1.445  -0.773 -11.595 1.00 41.08 ? 88  HOH A O   1 
HETATM 432 O O   . HOH C 3 .  ? -1.593  10.865 9.550   1.00 62.72 ? 89  HOH A O   1 
HETATM 433 O O   . HOH C 3 .  ? 7.470   -3.000 -27.375 1.00 51.32 ? 90  HOH A O   1 
HETATM 434 O O   . HOH C 3 .  ? 8.765   2.466  -10.016 1.00 38.86 ? 91  HOH A O   1 
HETATM 435 O O   . HOH C 3 .  ? -4.336  12.297 6.684   1.00 82.78 ? 92  HOH A O   1 
HETATM 436 O O   . HOH C 3 .  ? -14.496 5.914  23.394  1.00 38.83 ? 93  HOH A O   1 
HETATM 437 O O   . HOH C 3 .  ? 9.274   -2.350 -11.104 0.33 29.61 ? 94  HOH A O   1 
HETATM 438 O O   . HOH C 3 .  ? 9.095   5.777  -11.047 1.00 48.82 ? 95  HOH A O   1 
HETATM 439 O O   . HOH C 3 .  ? -4.384  0.627  27.833  1.00 55.58 ? 96  HOH A O   1 
HETATM 440 O O   . HOH C 3 .  ? 4.624   -5.547 -19.833 1.00 32.51 ? 97  HOH A O   1 
HETATM 441 O O   . HOH C 3 .  ? 0.173   -9.290 -13.148 1.00 55.79 ? 98  HOH A O   1 
HETATM 442 O O   . HOH C 3 .  ? 2.627   8.826  5.633   1.00 48.81 ? 99  HOH A O   1 
HETATM 443 O O   . HOH C 3 .  ? -12.920 2.556  19.370  1.00 48.59 ? 100 HOH A O   1 
HETATM 444 O O   . HOH C 3 .  ? -6.312  -0.284 29.599  1.00 51.90 ? 101 HOH A O   1 
HETATM 445 O O   . HOH C 3 .  ? 2.799   6.497  6.985   1.00 69.96 ? 102 HOH A O   1 
HETATM 446 O O   . HOH C 3 .  ? -2.407  -1.674 -5.730  1.00 41.77 ? 103 HOH A O   1 
# 
